data_8XUM
#
_entry.id   8XUM
#
_cell.length_a   1.00
_cell.length_b   1.00
_cell.length_c   1.00
_cell.angle_alpha   90.00
_cell.angle_beta   90.00
_cell.angle_gamma   90.00
#
_symmetry.space_group_name_H-M   'P 1'
#
loop_
_entity.id
_entity.type
_entity.pdbx_description
1 polymer MB52
2 polymer 'Leucine-rich repeat-containing G-protein coupled receptor 4'
3 polymer R-spondin-2
#
loop_
_entity_poly.entity_id
_entity_poly.type
_entity_poly.pdbx_seq_one_letter_code
_entity_poly.pdbx_strand_id
1 'polypeptide(L)'
;GSLRLSCAASGYTYSPYCMGWFRQAPGKAREGVATVDLDGSTIYADSVKGRFTISQDNAKNTLYLQMNSLKPEDTAMYYC
ASRTRAGVTCGLNWAIFSYWGQGTQVTVSS
;
C
2 'polypeptide(L)'
;MPGPLGLLCFLALGLLGSAGPSGAAPPLCAAPCSCDGDRRVDCSGKGLTAVPEGLSAFTQALDISMNNITQLPEDAFKNF
PFLEELQLAGNDLSFIHPKALSGLKELKVLTLQNNQLKTVPSEAIRGLSALQSLRLDANHITSVPEDSFEGLVQLRHLWL
DDNSLTEVPVHPLSNLPTLQALTLALNKISSIPDFAFTNLSSLVVLHLHNNKIRSLSQHCFDGLDNLETLDLNYNNLGEF
PQAIKALPSLKELGFHSNSISVIPDGAFDGNPLLRTIHLYDNPLSFVGNSAFHNLSDLHSLVIRGASMVQQFPNLTGTVH
LESLTLTGTKISSIPNNLCQEQKMLRTLDLSYNNIRDLPSFNGCHALEEISLQRNQIYQIKEGTFQGLISLRILDLSRNL
IHEIHSRAFATLGPITNLDVSFNELTSFPTEGLNGLNQLKLVGNFKLKEALAAKDFVNLRSLSVPYAYQCCAFWGCDSYA
NLNTEDNSLQDHSVAQEKGTADAANVTSTLENEEHSQIIIHCTPSTGAFKPCEYLLGSWMIRLTVWFIFLVALFFNLLVI
LTTFASCTSLPSSKLFIGLISVSNLFMGIYTGILTFLDAVSWGRFAEFGIWWETGSGCKVAGFLAVFSSESAIFLLMLAT
VERSLSAKDIMKNGKSNHLKQFRVAALLAFLGATVAGCFPLFHRGEYSASPLCLPFPTGETPSLGFTVTLVLLNSLAFLL
MAVIYTKLYCNLEKEDLSENSQSSMIKHVAWLIFTNCIFFCPVAFFSFAPLITAISISPEIMKSVTLIFFPLPACLNPVL
YVFFNPKFKEDWKLLKRRVTKKSGSVSVSISSQGGCLEQDFYYDCGMYSHLQGNLTVCDCCESFLLTKPVSCKHLIKSHS
CPALAVASCQRPEGYWSDCGTQSAHSDYADEEDSFVSDSSDQVQACGRACFYQSRGFPLVRYAYNLPRVKD
;
A
3 'polypeptide(L)'
;MQFRLFSFALIILNCMDYSHCQGNRWRRSKRASYVSNPICKGCLSCSKDNGCSRCQQKLFFFLRREGMRQYGECLHSCPS
GYYGHRAPDMNRCARCRIENCDSCFSKDFCTKCKVGFYLHRGRCFDECPDGFAPLDETMECVEGCEVGHWSEWGTCSRNN
RTCGFKWGLETRTRQIVKKPVKDTILCPTIAESRRCKMTMRHCPGGKRTPKAKEKRNKKKKRKLIERAQEQHSVFLATDR
ANQ
;
B
#
# COMPACT_ATOMS: atom_id res chain seq x y z
N GLY A 1 -46.27 39.35 26.81
CA GLY A 1 -45.99 40.64 27.42
C GLY A 1 -44.94 41.43 26.68
N SER A 2 -44.51 42.55 27.28
CA SER A 2 -43.50 43.41 26.69
C SER A 2 -42.71 44.01 27.85
N LEU A 3 -41.40 44.25 27.61
CA LEU A 3 -40.50 44.72 28.68
C LEU A 3 -39.43 45.68 28.15
N ARG A 4 -39.11 46.74 28.89
CA ARG A 4 -38.04 47.68 28.59
C ARG A 4 -36.61 47.42 29.06
N LEU A 5 -35.69 47.20 28.13
CA LEU A 5 -34.29 46.99 28.44
C LEU A 5 -33.47 48.17 27.94
N SER A 6 -33.02 49.01 28.87
CA SER A 6 -32.32 50.24 28.52
C SER A 6 -30.90 50.20 29.06
N CYS A 7 -29.93 50.54 28.20
CA CYS A 7 -28.54 50.63 28.60
C CYS A 7 -28.01 51.99 28.19
N ALA A 8 -27.40 52.69 29.14
CA ALA A 8 -26.94 54.06 28.96
C ALA A 8 -25.42 54.12 29.06
N ALA A 9 -24.86 55.24 28.63
CA ALA A 9 -23.43 55.46 28.68
C ALA A 9 -23.02 55.92 30.08
N SER A 10 -22.15 55.15 30.72
CA SER A 10 -21.68 55.51 32.06
C SER A 10 -20.91 56.82 32.04
N GLY A 11 -20.02 56.99 31.06
CA GLY A 11 -19.23 58.19 30.94
C GLY A 11 -19.44 58.92 29.63
N TYR A 12 -18.38 59.00 28.83
CA TYR A 12 -18.47 59.63 27.52
C TYR A 12 -19.43 58.84 26.64
N THR A 13 -20.12 59.55 25.75
CA THR A 13 -21.19 58.95 24.97
C THR A 13 -20.69 57.78 24.12
N TYR A 14 -21.42 56.67 24.16
CA TYR A 14 -21.09 55.48 23.40
C TYR A 14 -21.81 55.41 22.06
N SER A 15 -22.69 56.36 21.77
CA SER A 15 -23.43 56.44 20.52
C SER A 15 -22.57 56.72 19.28
N PRO A 16 -21.40 57.41 19.40
CA PRO A 16 -20.58 57.63 18.20
C PRO A 16 -20.26 56.40 17.35
N TYR A 17 -20.42 55.20 17.90
CA TYR A 17 -20.27 53.99 17.05
C TYR A 17 -21.26 52.94 17.49
N CYS A 18 -21.18 51.73 16.96
CA CYS A 18 -22.18 50.69 17.11
C CYS A 18 -22.31 50.21 18.55
N MET A 19 -23.55 49.95 18.97
CA MET A 19 -23.86 49.38 20.26
C MET A 19 -24.90 48.28 20.08
N GLY A 20 -24.82 47.25 20.92
CA GLY A 20 -25.67 46.10 20.72
C GLY A 20 -26.08 45.43 22.02
N TRP A 21 -26.98 44.47 21.89
CA TRP A 21 -27.45 43.66 23.00
C TRP A 21 -27.15 42.20 22.72
N PHE A 22 -26.54 41.54 23.70
CA PHE A 22 -26.12 40.15 23.60
C PHE A 22 -26.80 39.34 24.70
N ARG A 23 -26.97 38.05 24.45
CA ARG A 23 -27.50 37.13 25.45
C ARG A 23 -26.61 35.91 25.54
N GLN A 24 -26.42 35.41 26.76
CA GLN A 24 -25.53 34.31 27.06
C GLN A 24 -26.29 33.23 27.81
N ALA A 25 -26.30 32.02 27.25
CA ALA A 25 -26.84 30.88 27.97
C ALA A 25 -25.89 30.51 29.11
N PRO A 26 -26.42 29.94 30.20
CA PRO A 26 -25.56 29.62 31.35
C PRO A 26 -24.40 28.70 30.99
N GLY A 27 -23.18 29.23 31.09
CA GLY A 27 -21.98 28.46 30.85
C GLY A 27 -21.41 28.29 29.46
N LYS A 28 -22.09 28.77 28.42
CA LYS A 28 -21.58 28.73 27.06
C LYS A 28 -21.39 30.14 26.55
N ALA A 29 -21.08 30.28 25.27
CA ALA A 29 -20.75 31.57 24.69
C ALA A 29 -21.82 32.66 24.70
N ARG A 30 -21.37 33.90 24.76
CA ARG A 30 -22.28 35.03 24.61
C ARG A 30 -22.60 35.07 23.12
N GLU A 31 -23.88 35.21 22.79
CA GLU A 31 -24.32 35.33 21.40
C GLU A 31 -25.11 36.61 21.27
N GLY A 32 -25.01 37.27 20.12
CA GLY A 32 -25.65 38.54 19.92
C GLY A 32 -27.09 38.53 19.47
N VAL A 33 -27.98 39.16 20.25
CA VAL A 33 -29.38 39.18 19.86
C VAL A 33 -29.67 40.33 18.91
N ALA A 34 -29.02 41.48 19.09
CA ALA A 34 -29.30 42.60 18.22
C ALA A 34 -28.13 43.57 18.23
N THR A 35 -28.04 44.40 17.20
CA THR A 35 -27.04 45.45 17.17
C THR A 35 -27.57 46.62 16.36
N VAL A 36 -27.14 47.82 16.72
CA VAL A 36 -27.46 49.05 15.99
C VAL A 36 -26.20 49.85 15.73
N ASP A 37 -25.99 50.26 14.49
CA ASP A 37 -24.81 51.06 14.08
C ASP A 37 -25.21 52.52 13.95
N LEU A 38 -24.24 53.42 14.07
CA LEU A 38 -24.48 54.86 13.91
C LEU A 38 -25.20 55.07 12.58
N ASP A 39 -26.16 55.98 12.53
CA ASP A 39 -26.98 56.29 11.32
C ASP A 39 -28.23 55.41 11.43
N GLY A 40 -28.44 54.73 12.57
CA GLY A 40 -29.66 53.98 12.78
C GLY A 40 -29.73 52.62 12.12
N SER A 41 -28.70 52.21 11.38
CA SER A 41 -28.70 50.88 10.79
C SER A 41 -28.74 49.82 11.88
N THR A 42 -29.58 48.81 11.70
CA THR A 42 -29.81 47.79 12.71
C THR A 42 -29.75 46.40 12.09
N ILE A 43 -29.26 45.44 12.88
CA ILE A 43 -29.15 44.05 12.47
C ILE A 43 -29.70 43.17 13.59
N TYR A 44 -30.51 42.18 13.21
CA TYR A 44 -31.04 41.19 14.12
C TYR A 44 -30.64 39.80 13.65
N ALA A 45 -30.64 38.84 14.57
CA ALA A 45 -30.27 37.48 14.24
C ALA A 45 -31.52 36.69 13.83
N ASP A 46 -31.37 35.37 13.74
CA ASP A 46 -32.44 34.55 13.17
C ASP A 46 -33.68 34.51 14.06
N SER A 47 -33.51 34.33 15.37
CA SER A 47 -34.62 34.20 16.29
C SER A 47 -34.96 35.52 16.98
N VAL A 48 -34.77 36.63 16.28
CA VAL A 48 -34.94 37.97 16.92
C VAL A 48 -35.98 38.82 16.18
N LYS A 49 -36.08 38.76 14.85
CA LYS A 49 -37.01 39.62 14.13
C LYS A 49 -38.45 39.29 14.50
N GLY A 50 -39.26 40.33 14.66
CA GLY A 50 -40.66 40.20 14.99
C GLY A 50 -40.96 40.14 16.47
N ARG A 51 -39.95 39.81 17.29
CA ARG A 51 -40.15 39.68 18.77
C ARG A 51 -39.10 40.51 19.53
N PHE A 52 -38.22 41.26 18.88
CA PHE A 52 -37.23 42.12 19.58
C PHE A 52 -36.90 43.30 18.70
N THR A 53 -36.99 44.52 19.23
CA THR A 53 -36.59 45.70 18.48
C THR A 53 -35.71 46.60 19.36
N ILE A 54 -34.74 47.23 18.71
CA ILE A 54 -33.71 48.02 19.41
C ILE A 54 -33.59 49.38 18.72
N SER A 55 -33.33 50.43 19.49
CA SER A 55 -33.11 51.75 18.93
C SER A 55 -32.21 52.57 19.86
N GLN A 56 -31.30 53.34 19.28
CA GLN A 56 -30.44 54.22 20.05
C GLN A 56 -31.13 55.58 20.09
N ASP A 57 -30.47 56.54 20.72
CA ASP A 57 -30.67 57.96 20.47
C ASP A 57 -29.52 58.66 21.16
N ASN A 58 -28.97 59.69 20.51
CA ASN A 58 -27.87 60.47 21.04
C ASN A 58 -28.29 61.65 21.90
N ALA A 59 -29.59 61.90 22.03
CA ALA A 59 -30.06 63.00 22.88
C ALA A 59 -29.56 62.99 24.32
N LYS A 60 -29.56 61.76 24.86
CA LYS A 60 -29.10 61.48 26.24
C LYS A 60 -28.32 60.17 26.17
N ASN A 61 -27.49 59.86 25.15
CA ASN A 61 -26.72 58.67 24.76
C ASN A 61 -27.10 57.30 25.32
N THR A 62 -28.33 56.87 25.05
CA THR A 62 -28.86 55.63 25.60
C THR A 62 -29.47 54.66 24.59
N LEU A 63 -29.24 53.35 24.78
CA LEU A 63 -29.85 52.29 23.93
C LEU A 63 -31.12 51.79 24.60
N TYR A 64 -32.07 51.24 23.84
CA TYR A 64 -33.30 50.67 24.37
C TYR A 64 -33.75 49.53 23.47
N LEU A 65 -34.35 48.51 24.10
CA LEU A 65 -34.77 47.31 23.34
C LEU A 65 -36.15 46.76 23.80
N GLN A 66 -37.24 47.06 23.09
CA GLN A 66 -38.55 46.45 23.33
C GLN A 66 -38.43 44.97 23.07
N MET A 67 -38.85 44.17 24.06
CA MET A 67 -38.91 42.70 23.88
C MET A 67 -40.38 42.31 24.06
N ASN A 68 -40.86 41.36 23.27
CA ASN A 68 -42.25 40.92 23.34
C ASN A 68 -42.34 39.52 22.74
N SER A 69 -43.54 38.95 22.80
CA SER A 69 -43.79 37.57 22.37
C SER A 69 -42.86 36.61 23.11
N LEU A 70 -43.01 36.60 24.44
CA LEU A 70 -42.10 35.86 25.33
C LEU A 70 -42.17 34.34 25.19
N LYS A 71 -41.03 33.68 25.00
CA LYS A 71 -40.92 32.25 24.85
C LYS A 71 -40.03 31.68 25.94
N PRO A 72 -40.28 30.44 26.36
CA PRO A 72 -39.44 29.86 27.43
C PRO A 72 -37.96 29.71 27.15
N GLU A 73 -37.64 29.30 25.91
CA GLU A 73 -36.24 29.03 25.50
C GLU A 73 -35.43 30.33 25.46
N ASP A 74 -36.10 31.47 25.24
CA ASP A 74 -35.40 32.76 25.13
C ASP A 74 -35.11 33.59 26.43
N THR A 75 -34.77 32.78 27.43
CA THR A 75 -34.29 33.27 28.72
C THR A 75 -32.84 33.00 29.05
N ALA A 76 -32.06 34.07 29.26
CA ALA A 76 -30.62 33.95 29.39
C ALA A 76 -30.09 35.15 30.14
N MET A 77 -28.78 35.33 30.10
CA MET A 77 -28.08 36.43 30.75
C MET A 77 -27.86 37.54 29.73
N TYR A 78 -28.64 38.61 29.83
CA TYR A 78 -28.56 39.68 28.82
C TYR A 78 -27.56 40.74 29.21
N TYR A 79 -26.70 41.16 28.32
CA TYR A 79 -25.74 42.24 28.47
C TYR A 79 -25.90 43.26 27.35
N CYS A 80 -25.48 44.49 27.63
CA CYS A 80 -25.36 45.53 26.62
C CYS A 80 -23.88 45.78 26.35
N ALA A 81 -23.51 45.83 25.08
CA ALA A 81 -22.13 46.01 24.66
C ALA A 81 -22.00 47.28 23.83
N SER A 82 -20.86 47.94 23.96
CA SER A 82 -20.60 49.20 23.28
C SER A 82 -19.21 49.19 22.69
N ARG A 83 -19.00 50.09 21.72
CA ARG A 83 -17.69 50.24 21.07
C ARG A 83 -17.63 51.69 20.57
N THR A 84 -16.62 52.47 20.96
CA THR A 84 -16.42 53.83 20.46
C THR A 84 -15.10 54.18 19.79
N ARG A 85 -14.32 53.17 19.38
CA ARG A 85 -12.97 53.33 18.77
C ARG A 85 -13.06 53.49 17.24
N ALA A 86 -14.26 53.52 16.65
CA ALA A 86 -14.52 53.55 15.22
C ALA A 86 -13.86 52.48 14.37
N GLY A 87 -13.74 52.73 13.07
CA GLY A 87 -13.16 51.76 12.18
C GLY A 87 -14.06 50.55 11.91
N VAL A 88 -13.53 49.65 11.07
CA VAL A 88 -14.20 48.35 10.78
C VAL A 88 -15.67 48.49 10.41
N THR A 89 -16.36 47.36 10.29
CA THR A 89 -17.81 47.31 10.14
C THR A 89 -18.55 46.69 11.32
N CYS A 90 -19.81 47.10 11.49
CA CYS A 90 -20.63 46.57 12.56
C CYS A 90 -20.87 45.08 12.37
N GLY A 91 -21.08 44.37 13.47
CA GLY A 91 -21.26 42.94 13.42
C GLY A 91 -22.17 42.42 14.52
N LEU A 92 -22.19 41.09 14.69
CA LEU A 92 -23.07 40.46 15.66
C LEU A 92 -22.34 39.59 16.68
N ASN A 93 -21.01 39.56 16.64
CA ASN A 93 -20.22 38.74 17.54
C ASN A 93 -19.69 39.58 18.69
N TRP A 94 -19.21 38.89 19.73
CA TRP A 94 -18.76 39.55 20.95
C TRP A 94 -17.41 40.25 20.83
N ALA A 95 -16.54 39.78 19.94
CA ALA A 95 -15.16 40.24 19.93
C ALA A 95 -15.03 41.71 19.56
N ILE A 96 -15.95 42.23 18.75
CA ILE A 96 -15.77 43.57 18.19
C ILE A 96 -15.90 44.63 19.28
N PHE A 97 -16.88 44.48 20.17
CA PHE A 97 -17.24 45.56 21.07
C PHE A 97 -16.17 45.77 22.13
N SER A 98 -15.76 47.03 22.31
CA SER A 98 -14.69 47.36 23.24
C SER A 98 -15.16 47.40 24.69
N TYR A 99 -16.38 47.87 24.93
CA TYR A 99 -16.89 48.04 26.29
C TYR A 99 -18.07 47.12 26.52
N TRP A 100 -18.21 46.64 27.75
CA TRP A 100 -19.31 45.76 28.14
C TRP A 100 -19.91 46.22 29.45
N GLY A 101 -21.21 45.98 29.60
CA GLY A 101 -21.93 46.34 30.80
C GLY A 101 -22.05 45.08 31.65
N GLN A 102 -22.61 45.25 32.86
CA GLN A 102 -22.77 44.13 33.81
C GLN A 102 -24.00 43.30 33.43
N GLY A 103 -24.91 43.88 32.66
CA GLY A 103 -26.07 43.15 32.17
C GLY A 103 -27.17 42.90 33.17
N THR A 104 -28.32 42.47 32.62
CA THR A 104 -29.51 42.17 33.42
C THR A 104 -30.08 40.82 33.01
N GLN A 105 -30.58 40.08 33.99
CA GLN A 105 -31.16 38.76 33.77
C GLN A 105 -32.67 38.84 33.90
N VAL A 106 -33.38 38.37 32.89
CA VAL A 106 -34.84 38.40 32.88
C VAL A 106 -35.36 37.00 32.58
N THR A 107 -36.33 36.56 33.36
CA THR A 107 -36.94 35.24 33.21
C THR A 107 -38.28 35.38 32.49
N VAL A 108 -38.52 34.45 31.55
CA VAL A 108 -39.77 34.46 30.73
C VAL A 108 -40.99 34.40 31.65
N SER A 109 -41.95 35.29 31.44
CA SER A 109 -43.21 35.31 32.17
C SER A 109 -44.36 35.28 31.18
N SER A 110 -45.25 34.30 31.34
CA SER A 110 -46.37 34.11 30.42
C SER A 110 -45.91 33.93 28.98
N PRO B 32 -4.34 23.41 44.58
CA PRO B 32 -3.76 22.17 44.10
C PRO B 32 -2.68 22.45 43.08
N CYS B 33 -2.49 23.72 42.73
CA CYS B 33 -1.48 24.10 41.75
C CYS B 33 -0.11 23.62 42.19
N SER B 34 0.59 22.92 41.30
CA SER B 34 1.93 22.42 41.58
C SER B 34 2.94 23.51 41.24
N CYS B 35 3.72 23.91 42.24
CA CYS B 35 4.68 24.99 42.08
C CYS B 35 6.08 24.40 41.98
N ASP B 36 6.79 24.75 40.90
CA ASP B 36 8.15 24.26 40.70
C ASP B 36 9.18 25.09 41.47
N GLY B 37 8.80 26.27 41.95
CA GLY B 37 9.70 27.11 42.72
C GLY B 37 10.68 27.93 41.90
N ASP B 38 10.62 27.85 40.59
CA ASP B 38 11.51 28.60 39.70
C ASP B 38 10.75 29.67 38.93
N ARG B 39 9.83 30.35 39.62
CA ARG B 39 8.95 31.35 39.03
C ARG B 39 8.06 30.77 37.93
N ARG B 40 7.82 29.46 37.96
CA ARG B 40 6.97 28.79 37.00
C ARG B 40 5.92 27.99 37.76
N VAL B 41 4.66 28.19 37.38
CA VAL B 41 3.49 27.58 38.09
C VAL B 41 2.74 26.66 37.13
N ASP B 42 2.37 25.47 37.59
CA ASP B 42 1.55 24.53 36.82
C ASP B 42 0.22 24.35 37.54
N CYS B 43 -0.88 24.44 36.79
CA CYS B 43 -2.21 24.23 37.34
C CYS B 43 -3.09 23.40 36.42
N SER B 44 -2.49 22.69 35.46
CA SER B 44 -3.27 21.97 34.46
C SER B 44 -4.04 20.81 35.10
N GLY B 45 -5.28 20.62 34.64
CA GLY B 45 -6.08 19.48 35.03
C GLY B 45 -6.78 19.30 36.36
N LYS B 46 -6.65 20.26 37.28
CA LYS B 46 -7.36 20.11 38.56
C LYS B 46 -8.88 20.66 38.60
N GLY B 47 -9.30 20.99 37.38
CA GLY B 47 -10.67 21.37 37.13
C GLY B 47 -11.27 22.68 37.60
N LEU B 48 -10.47 23.61 38.10
CA LEU B 48 -11.01 24.88 38.55
C LEU B 48 -11.45 25.73 37.35
N THR B 49 -12.56 26.44 37.52
CA THR B 49 -13.18 27.19 36.43
C THR B 49 -12.79 28.66 36.42
N ALA B 50 -11.95 29.11 37.34
CA ALA B 50 -11.54 30.50 37.41
C ALA B 50 -10.01 30.58 37.43
N VAL B 51 -9.50 31.80 37.39
CA VAL B 51 -8.05 32.00 37.48
C VAL B 51 -7.59 31.68 38.90
N PRO B 52 -6.48 30.96 39.08
CA PRO B 52 -6.01 30.68 40.44
C PRO B 52 -5.64 31.95 41.18
N GLU B 53 -5.84 31.92 42.49
CA GLU B 53 -5.60 33.06 43.36
C GLU B 53 -4.60 32.67 44.44
N GLY B 54 -4.00 33.69 45.05
CA GLY B 54 -2.97 33.48 46.05
C GLY B 54 -1.61 33.14 45.49
N LEU B 55 -1.46 33.25 44.16
CA LEU B 55 -0.19 32.91 43.46
C LEU B 55 0.86 33.99 43.73
N SER B 56 2.15 33.66 43.60
CA SER B 56 3.22 34.63 43.77
C SER B 56 3.07 35.77 42.78
N ALA B 57 3.45 36.97 43.22
CA ALA B 57 3.38 38.14 42.36
C ALA B 57 4.52 38.22 41.35
N PHE B 58 5.54 37.37 41.50
CA PHE B 58 6.71 37.41 40.63
C PHE B 58 6.74 36.27 39.61
N THR B 59 5.68 35.49 39.52
CA THR B 59 5.66 34.37 38.58
C THR B 59 5.78 34.83 37.13
N GLN B 60 6.46 34.00 36.33
CA GLN B 60 6.72 34.28 34.90
C GLN B 60 6.22 33.21 33.88
N ALA B 61 5.79 32.07 34.38
CA ALA B 61 5.06 31.06 33.61
C ALA B 61 3.88 30.48 34.36
N LEU B 62 2.74 30.40 33.69
CA LEU B 62 1.51 29.96 34.32
C LEU B 62 0.71 29.14 33.32
N ASP B 63 0.12 28.04 33.79
CA ASP B 63 -0.54 27.06 32.93
C ASP B 63 -1.91 26.74 33.51
N ILE B 64 -2.97 26.99 32.73
CA ILE B 64 -4.33 26.70 33.17
C ILE B 64 -5.01 25.77 32.17
N SER B 65 -4.22 24.99 31.45
CA SER B 65 -4.79 24.08 30.47
C SER B 65 -5.58 22.98 31.16
N MET B 66 -6.37 22.27 30.32
CA MET B 66 -7.18 21.11 30.72
C MET B 66 -8.29 21.51 31.69
N ASN B 67 -8.35 22.75 32.12
CA ASN B 67 -9.32 23.21 33.11
C ASN B 67 -10.69 23.36 32.46
N ASN B 68 -11.62 23.97 33.19
CA ASN B 68 -12.99 24.18 32.74
C ASN B 68 -13.38 25.65 32.82
N ILE B 69 -12.48 26.53 32.37
CA ILE B 69 -12.76 27.97 32.33
C ILE B 69 -13.45 28.29 31.02
N THR B 70 -14.59 28.96 31.11
CA THR B 70 -15.38 29.32 29.92
C THR B 70 -15.22 30.78 29.52
N GLN B 71 -15.17 31.69 30.48
CA GLN B 71 -15.02 33.10 30.18
C GLN B 71 -14.07 33.73 31.19
N LEU B 72 -13.17 34.59 30.70
CA LEU B 72 -12.20 35.27 31.54
C LEU B 72 -12.76 36.61 31.98
N PRO B 73 -13.03 36.81 33.27
CA PRO B 73 -13.57 38.10 33.72
C PRO B 73 -12.56 39.23 33.54
N GLU B 74 -13.09 40.46 33.63
CA GLU B 74 -12.25 41.66 33.48
C GLU B 74 -11.12 41.64 34.50
N ASP B 75 -9.91 41.99 34.08
CA ASP B 75 -8.74 42.09 34.95
C ASP B 75 -8.51 40.80 35.74
N ALA B 76 -8.71 39.67 35.06
CA ALA B 76 -8.45 38.38 35.70
C ALA B 76 -6.98 38.19 36.00
N PHE B 77 -6.10 38.64 35.09
CA PHE B 77 -4.67 38.44 35.22
C PHE B 77 -3.95 39.68 35.72
N LYS B 78 -4.67 40.64 36.30
CA LYS B 78 -4.04 41.83 36.86
C LYS B 78 -3.19 41.52 38.09
N ASN B 79 -3.32 40.32 38.67
CA ASN B 79 -2.56 39.96 39.85
C ASN B 79 -1.16 39.50 39.53
N PHE B 80 -0.84 39.23 38.27
CA PHE B 80 0.47 38.73 37.85
C PHE B 80 1.03 39.64 36.76
N PRO B 81 1.56 40.80 37.14
CA PRO B 81 2.14 41.71 36.13
C PRO B 81 3.47 41.24 35.57
N PHE B 82 4.10 40.24 36.17
CA PHE B 82 5.40 39.74 35.72
C PHE B 82 5.28 38.50 34.86
N LEU B 83 4.07 38.20 34.38
CA LEU B 83 3.85 36.97 33.60
C LEU B 83 4.62 37.09 32.28
N GLU B 84 5.11 35.98 31.77
CA GLU B 84 5.89 35.94 30.50
C GLU B 84 5.50 34.78 29.59
N GLU B 85 4.88 33.71 30.08
CA GLU B 85 4.29 32.68 29.26
C GLU B 85 2.98 32.22 29.88
N LEU B 86 1.92 32.19 29.08
CA LEU B 86 0.59 31.82 29.55
C LEU B 86 -0.01 30.81 28.59
N GLN B 87 -0.60 29.75 29.14
CA GLN B 87 -1.20 28.69 28.34
C GLN B 87 -2.64 28.48 28.77
N LEU B 88 -3.57 28.63 27.83
CA LEU B 88 -4.99 28.36 28.05
C LEU B 88 -5.44 27.44 26.91
N ALA B 89 -5.24 26.13 27.09
CA ALA B 89 -5.60 25.15 26.08
C ALA B 89 -6.55 24.14 26.70
N GLY B 90 -7.33 23.48 25.85
CA GLY B 90 -8.27 22.48 26.30
C GLY B 90 -9.51 23.02 26.98
N ASN B 91 -9.45 24.24 27.51
CA ASN B 91 -10.59 24.84 28.17
C ASN B 91 -11.73 25.05 27.18
N ASP B 92 -12.96 24.94 27.68
CA ASP B 92 -14.11 25.27 26.87
C ASP B 92 -14.35 26.78 26.92
N LEU B 93 -13.31 27.54 26.62
CA LEU B 93 -13.35 28.99 26.73
C LEU B 93 -13.89 29.60 25.45
N SER B 94 -14.91 30.46 25.60
CA SER B 94 -15.57 31.04 24.44
C SER B 94 -15.88 32.51 24.62
N PHE B 95 -15.16 33.21 25.50
CA PHE B 95 -15.35 34.64 25.69
C PHE B 95 -14.17 35.19 26.48
N ILE B 96 -13.60 36.30 26.02
CA ILE B 96 -12.49 36.97 26.69
C ILE B 96 -12.86 38.43 26.86
N HIS B 97 -12.93 38.88 28.12
CA HIS B 97 -13.27 40.30 28.41
C HIS B 97 -12.21 41.16 27.75
N PRO B 98 -12.57 42.37 27.24
CA PRO B 98 -11.57 43.25 26.63
C PRO B 98 -10.44 43.66 27.56
N LYS B 99 -10.73 43.85 28.84
CA LYS B 99 -9.72 44.24 29.81
C LYS B 99 -9.12 43.06 30.56
N ALA B 100 -9.52 41.82 30.21
CA ALA B 100 -9.01 40.66 30.93
C ALA B 100 -7.51 40.49 30.73
N LEU B 101 -7.01 40.65 29.51
CA LEU B 101 -5.56 40.42 29.25
C LEU B 101 -4.81 41.75 29.31
N SER B 102 -5.43 42.86 29.73
CA SER B 102 -4.70 44.11 29.87
C SER B 102 -3.71 44.03 31.02
N GLY B 103 -2.63 44.81 30.91
CA GLY B 103 -1.60 44.85 31.94
C GLY B 103 -0.55 43.78 31.83
N LEU B 104 -0.64 42.88 30.85
CA LEU B 104 0.34 41.82 30.68
C LEU B 104 1.38 42.25 29.65
N LYS B 105 2.15 43.26 30.03
CA LYS B 105 3.17 43.81 29.13
C LYS B 105 4.30 42.83 28.83
N GLU B 106 4.73 42.06 29.84
CA GLU B 106 5.87 41.17 29.67
C GLU B 106 5.48 39.80 29.12
N LEU B 107 4.21 39.59 28.79
CA LEU B 107 3.79 38.30 28.24
C LEU B 107 4.47 38.13 26.89
N LYS B 108 4.91 36.90 26.61
CA LYS B 108 5.59 36.59 25.36
C LYS B 108 4.95 35.43 24.59
N VAL B 109 4.40 34.44 25.27
CA VAL B 109 3.77 33.29 24.64
C VAL B 109 2.35 33.18 25.15
N LEU B 110 1.39 33.09 24.23
CA LEU B 110 -0.02 32.93 24.58
C LEU B 110 -0.62 31.85 23.69
N THR B 111 -1.16 30.81 24.28
CA THR B 111 -1.78 29.72 23.52
C THR B 111 -3.24 29.66 23.89
N LEU B 112 -4.14 29.48 22.94
CA LEU B 112 -5.58 29.45 23.16
C LEU B 112 -6.15 28.34 22.28
N GLN B 113 -5.33 27.32 21.97
CA GLN B 113 -5.71 26.27 21.00
C GLN B 113 -6.82 25.43 21.64
N ASN B 114 -7.55 24.65 20.84
CA ASN B 114 -8.61 23.70 21.32
C ASN B 114 -9.97 24.30 21.96
N ASN B 115 -9.90 25.62 22.18
CA ASN B 115 -11.01 26.38 22.72
C ASN B 115 -12.24 26.54 21.84
N GLN B 116 -13.25 27.27 22.34
CA GLN B 116 -14.48 27.49 21.59
C GLN B 116 -14.68 28.96 21.25
N LEU B 117 -13.59 29.67 20.98
CA LEU B 117 -13.71 31.04 20.48
C LEU B 117 -14.27 31.02 19.07
N LYS B 118 -15.39 31.71 18.86
CA LYS B 118 -16.09 31.65 17.55
C LYS B 118 -15.48 32.69 16.59
N THR B 119 -14.66 33.63 17.07
CA THR B 119 -13.98 34.63 16.23
C THR B 119 -12.67 34.99 16.89
N VAL B 120 -11.66 35.38 16.11
CA VAL B 120 -10.41 35.86 16.69
C VAL B 120 -10.72 36.98 17.67
N PRO B 121 -10.20 36.96 18.90
CA PRO B 121 -10.51 38.04 19.84
C PRO B 121 -9.73 39.29 19.45
N SER B 122 -10.43 40.28 18.89
CA SER B 122 -9.76 41.47 18.40
C SER B 122 -9.53 42.51 19.50
N GLU B 123 -10.60 42.87 20.21
CA GLU B 123 -10.49 43.85 21.28
C GLU B 123 -10.19 43.19 22.62
N ALA B 124 -9.37 42.14 22.58
CA ALA B 124 -8.86 41.51 23.80
C ALA B 124 -7.35 41.29 23.83
N ILE B 125 -6.69 41.17 22.68
CA ILE B 125 -5.24 41.05 22.61
C ILE B 125 -4.61 42.36 22.13
N ARG B 126 -5.38 43.44 22.17
CA ARG B 126 -4.91 44.72 21.64
C ARG B 126 -3.71 45.26 22.42
N GLY B 127 -3.76 45.17 23.74
CA GLY B 127 -2.73 45.76 24.57
C GLY B 127 -1.46 44.94 24.73
N LEU B 128 -1.46 43.69 24.26
CA LEU B 128 -0.31 42.77 24.41
C LEU B 128 0.74 43.18 23.39
N SER B 129 1.51 44.23 23.66
CA SER B 129 2.45 44.80 22.70
C SER B 129 3.80 44.09 22.71
N ALA B 130 3.97 43.01 23.48
CA ALA B 130 5.27 42.36 23.55
C ALA B 130 5.12 40.85 23.43
N LEU B 131 4.05 40.40 22.76
CA LEU B 131 3.81 38.96 22.54
C LEU B 131 4.60 38.44 21.36
N GLN B 132 5.10 37.22 21.41
CA GLN B 132 5.93 36.68 20.33
C GLN B 132 5.23 35.55 19.59
N SER B 133 4.54 34.66 20.30
CA SER B 133 3.86 33.54 19.67
C SER B 133 2.41 33.50 20.15
N LEU B 134 1.45 33.29 19.23
CA LEU B 134 -0.01 33.23 19.55
C LEU B 134 -0.55 32.01 18.84
N ARG B 135 -1.19 31.13 19.61
CA ARG B 135 -1.85 29.94 19.07
C ARG B 135 -3.34 30.20 19.10
N LEU B 136 -4.05 30.08 17.99
CA LEU B 136 -5.51 30.15 17.97
C LEU B 136 -6.06 28.98 17.18
N ASP B 137 -5.25 27.94 16.96
CA ASP B 137 -5.63 26.83 16.11
C ASP B 137 -6.67 25.95 16.80
N ALA B 138 -7.28 25.07 16.01
CA ALA B 138 -8.27 24.09 16.43
C ALA B 138 -9.51 24.72 17.04
N ASN B 139 -9.66 26.03 16.96
CA ASN B 139 -10.89 26.68 17.35
C ASN B 139 -11.87 26.65 16.17
N HIS B 140 -13.14 26.95 16.48
CA HIS B 140 -14.16 27.08 15.45
C HIS B 140 -14.32 28.55 15.06
N ILE B 141 -13.26 29.09 14.48
CA ILE B 141 -13.22 30.49 14.08
C ILE B 141 -13.75 30.61 12.66
N THR B 142 -14.80 31.42 12.49
CA THR B 142 -15.42 31.63 11.20
C THR B 142 -15.02 32.95 10.55
N SER B 143 -15.00 34.00 11.35
CA SER B 143 -14.70 35.35 10.87
C SER B 143 -13.51 35.91 11.65
N VAL B 144 -12.70 36.79 11.04
CA VAL B 144 -11.56 37.46 11.72
C VAL B 144 -11.80 38.97 11.57
N PRO B 145 -12.19 39.70 12.63
CA PRO B 145 -12.49 41.13 12.53
C PRO B 145 -11.32 41.81 11.84
N GLU B 146 -11.63 42.81 11.00
CA GLU B 146 -10.61 43.51 10.20
C GLU B 146 -9.64 44.27 11.11
N ASP B 147 -10.13 44.84 12.21
CA ASP B 147 -9.30 45.63 13.10
C ASP B 147 -8.38 44.71 13.89
N SER B 148 -8.60 43.40 13.84
CA SER B 148 -7.85 42.47 14.67
C SER B 148 -6.37 42.49 14.33
N PHE B 149 -5.56 42.00 15.27
CA PHE B 149 -4.11 41.90 15.17
C PHE B 149 -3.44 43.26 15.08
N GLU B 150 -4.12 44.32 15.49
CA GLU B 150 -3.52 45.65 15.50
C GLU B 150 -2.74 45.86 16.79
N GLY B 151 -1.52 46.38 16.67
CA GLY B 151 -0.67 46.66 17.80
C GLY B 151 0.26 45.54 18.21
N LEU B 152 0.15 44.36 17.58
CA LEU B 152 1.03 43.24 17.88
C LEU B 152 2.34 43.42 17.12
N VAL B 153 3.17 44.35 17.62
CA VAL B 153 4.41 44.72 16.93
C VAL B 153 5.55 43.75 17.20
N GLN B 154 5.31 42.69 17.96
CA GLN B 154 6.37 41.74 18.29
C GLN B 154 5.99 40.30 17.97
N LEU B 155 4.87 40.07 17.28
CA LEU B 155 4.45 38.72 16.97
C LEU B 155 5.43 38.06 16.00
N ARG B 156 5.71 36.79 16.25
CA ARG B 156 6.64 36.02 15.43
C ARG B 156 6.01 34.77 14.83
N HIS B 157 5.15 34.08 15.57
CA HIS B 157 4.49 32.88 15.08
C HIS B 157 3.00 32.98 15.33
N LEU B 158 2.21 32.51 14.36
CA LEU B 158 0.77 32.55 14.44
C LEU B 158 0.24 31.19 14.03
N TRP B 159 -0.63 30.61 14.87
CA TRP B 159 -1.30 29.34 14.51
C TRP B 159 -2.74 29.70 14.22
N LEU B 160 -3.32 29.22 13.11
CA LEU B 160 -4.76 29.45 12.81
C LEU B 160 -5.32 28.21 12.11
N ASP B 161 -4.63 27.06 12.14
CA ASP B 161 -5.07 25.88 11.39
C ASP B 161 -6.28 25.20 11.99
N ASP B 162 -6.92 24.27 11.28
CA ASP B 162 -8.06 23.49 11.82
C ASP B 162 -9.15 24.48 12.27
N ASN B 163 -9.45 25.48 11.46
CA ASN B 163 -10.46 26.50 11.79
C ASN B 163 -11.47 26.41 10.64
N SER B 164 -12.40 27.33 10.55
CA SER B 164 -13.40 27.38 9.50
C SER B 164 -13.42 28.73 8.81
N LEU B 165 -12.23 29.26 8.50
CA LEU B 165 -12.08 30.56 7.80
C LEU B 165 -12.35 30.37 6.31
N THR B 166 -13.25 31.15 5.71
CA THR B 166 -13.64 31.01 4.32
C THR B 166 -12.68 31.68 3.35
N GLU B 167 -11.95 32.69 3.81
CA GLU B 167 -11.00 33.40 2.96
C GLU B 167 -9.91 33.98 3.84
N VAL B 168 -8.77 34.28 3.22
CA VAL B 168 -7.61 34.78 3.95
C VAL B 168 -7.89 36.21 4.41
N PRO B 169 -7.79 36.53 5.74
CA PRO B 169 -7.97 37.89 6.21
C PRO B 169 -6.80 38.73 5.75
N VAL B 170 -7.01 39.76 4.92
CA VAL B 170 -5.93 40.54 4.37
C VAL B 170 -5.53 41.69 5.31
N HIS B 171 -6.51 42.42 5.83
CA HIS B 171 -6.19 43.54 6.71
C HIS B 171 -5.53 43.12 8.01
N PRO B 172 -6.05 42.14 8.77
CA PRO B 172 -5.35 41.75 10.01
C PRO B 172 -3.94 41.27 9.79
N LEU B 173 -3.69 40.51 8.72
CA LEU B 173 -2.34 40.08 8.41
C LEU B 173 -1.46 41.27 8.04
N SER B 174 -2.00 42.21 7.25
CA SER B 174 -1.25 43.40 6.90
C SER B 174 -0.96 44.28 8.10
N ASN B 175 -1.71 44.12 9.20
CA ASN B 175 -1.49 44.95 10.38
C ASN B 175 -0.10 44.81 11.00
N LEU B 176 0.33 43.55 11.22
CA LEU B 176 1.62 43.24 11.89
C LEU B 176 2.67 42.75 10.85
N PRO B 177 3.85 43.41 10.73
CA PRO B 177 4.80 43.03 9.68
C PRO B 177 5.92 42.13 10.16
N THR B 178 5.99 41.84 11.46
CA THR B 178 7.12 41.13 12.04
C THR B 178 6.90 39.63 12.14
N LEU B 179 5.82 39.12 11.54
CA LEU B 179 5.49 37.67 11.64
C LEU B 179 6.57 36.86 10.92
N GLN B 180 6.94 35.70 11.47
CA GLN B 180 7.94 34.80 10.89
C GLN B 180 7.38 33.44 10.52
N ALA B 181 6.37 32.95 11.23
CA ALA B 181 5.75 31.67 10.92
C ALA B 181 4.23 31.84 10.95
N LEU B 182 3.56 31.23 9.97
CA LEU B 182 2.12 31.33 9.88
C LEU B 182 1.61 30.01 9.30
N THR B 183 0.51 29.50 9.87
CA THR B 183 -0.15 28.28 9.39
C THR B 183 -1.62 28.58 9.25
N LEU B 184 -2.26 28.12 8.17
CA LEU B 184 -3.67 28.32 7.92
C LEU B 184 -4.29 27.04 7.37
N ALA B 185 -3.74 25.89 7.76
CA ALA B 185 -4.17 24.62 7.23
C ALA B 185 -5.56 24.26 7.74
N LEU B 186 -6.09 23.16 7.21
CA LEU B 186 -7.35 22.56 7.66
C LEU B 186 -8.46 23.60 7.79
N ASN B 187 -8.61 24.41 6.74
CA ASN B 187 -9.60 25.47 6.75
C ASN B 187 -10.50 25.37 5.52
N LYS B 188 -11.35 26.37 5.30
CA LYS B 188 -12.26 26.38 4.17
C LYS B 188 -11.96 27.52 3.21
N ILE B 189 -10.68 27.89 3.09
CA ILE B 189 -10.29 28.94 2.14
C ILE B 189 -10.35 28.36 0.73
N SER B 190 -10.96 29.12 -0.19
CA SER B 190 -11.15 28.63 -1.57
C SER B 190 -10.31 29.41 -2.57
N SER B 191 -10.09 30.70 -2.38
CA SER B 191 -9.25 31.47 -3.27
C SER B 191 -8.37 32.40 -2.46
N ILE B 192 -7.18 32.68 -2.99
CA ILE B 192 -6.22 33.58 -2.36
C ILE B 192 -6.22 34.87 -3.18
N PRO B 193 -6.71 35.99 -2.64
CA PRO B 193 -6.77 37.23 -3.42
C PRO B 193 -5.39 37.84 -3.60
N ASP B 194 -5.31 38.77 -4.55
CA ASP B 194 -4.05 39.45 -4.83
C ASP B 194 -3.61 40.26 -3.63
N PHE B 195 -2.29 40.28 -3.40
CA PHE B 195 -1.69 41.06 -2.31
C PHE B 195 -2.26 40.65 -0.95
N ALA B 196 -2.58 39.35 -0.81
CA ALA B 196 -3.04 38.85 0.48
C ALA B 196 -1.96 38.94 1.54
N PHE B 197 -0.72 38.62 1.17
CA PHE B 197 0.42 38.64 2.09
C PHE B 197 1.44 39.68 1.68
N THR B 198 0.97 40.87 1.29
CA THR B 198 1.87 41.89 0.76
C THR B 198 2.81 42.44 1.83
N ASN B 199 2.32 42.61 3.04
CA ASN B 199 3.09 43.26 4.10
C ASN B 199 3.85 42.35 5.06
N LEU B 200 3.77 41.03 4.88
CA LEU B 200 4.49 40.10 5.75
C LEU B 200 5.87 39.86 5.12
N SER B 201 6.74 40.85 5.30
CA SER B 201 8.04 40.83 4.65
C SER B 201 8.93 39.80 5.34
N SER B 202 8.73 39.57 6.63
CA SER B 202 9.60 38.71 7.41
C SER B 202 9.12 37.26 7.49
N LEU B 203 8.05 36.92 6.80
CA LEU B 203 7.51 35.57 6.88
C LEU B 203 8.52 34.56 6.37
N VAL B 204 8.58 33.40 7.03
CA VAL B 204 9.54 32.35 6.71
C VAL B 204 8.82 31.05 6.36
N VAL B 205 7.85 30.64 7.17
CA VAL B 205 7.11 29.41 6.98
C VAL B 205 5.64 29.74 6.82
N LEU B 206 5.02 29.22 5.75
CA LEU B 206 3.61 29.39 5.49
C LEU B 206 2.98 28.04 5.21
N HIS B 207 2.01 27.65 6.03
CA HIS B 207 1.29 26.37 5.82
C HIS B 207 -0.09 26.74 5.29
N LEU B 208 -0.55 26.09 4.23
CA LEU B 208 -1.91 26.23 3.71
C LEU B 208 -2.48 24.90 3.26
N HIS B 209 -1.94 23.78 3.73
CA HIS B 209 -2.40 22.47 3.28
C HIS B 209 -3.78 22.16 3.84
N ASN B 210 -4.35 21.05 3.37
CA ASN B 210 -5.61 20.53 3.89
C ASN B 210 -6.75 21.55 3.74
N ASN B 211 -6.73 22.28 2.63
CA ASN B 211 -7.70 23.34 2.42
C ASN B 211 -8.53 23.01 1.18
N LYS B 212 -9.38 23.95 0.77
CA LYS B 212 -10.20 23.82 -0.42
C LYS B 212 -9.84 24.91 -1.43
N ILE B 213 -8.56 25.22 -1.51
CA ILE B 213 -8.08 26.24 -2.46
C ILE B 213 -8.00 25.60 -3.83
N ARG B 214 -8.51 26.30 -4.84
CA ARG B 214 -8.44 25.83 -6.21
C ARG B 214 -8.04 26.91 -7.22
N SER B 215 -8.02 28.18 -6.82
CA SER B 215 -7.63 29.28 -7.70
C SER B 215 -6.62 30.13 -6.96
N LEU B 216 -5.47 30.40 -7.58
CA LEU B 216 -4.40 31.24 -6.97
C LEU B 216 -4.09 32.40 -7.92
N SER B 217 -4.23 33.65 -7.47
CA SER B 217 -4.04 34.83 -8.29
C SER B 217 -2.58 34.94 -8.74
N GLN B 218 -2.35 35.77 -9.76
CA GLN B 218 -1.00 35.95 -10.27
C GLN B 218 -0.11 36.67 -9.27
N HIS B 219 -0.69 37.48 -8.39
CA HIS B 219 0.07 38.25 -7.41
C HIS B 219 -0.34 37.93 -5.98
N CYS B 220 -0.84 36.72 -5.75
CA CYS B 220 -1.30 36.36 -4.42
C CYS B 220 -0.14 36.21 -3.44
N PHE B 221 1.04 35.84 -3.93
CA PHE B 221 2.21 35.61 -3.09
C PHE B 221 3.23 36.74 -3.17
N ASP B 222 2.80 37.94 -3.52
CA ASP B 222 3.70 39.08 -3.60
C ASP B 222 4.18 39.50 -2.21
N GLY B 223 5.44 39.89 -2.13
CA GLY B 223 6.00 40.43 -0.90
C GLY B 223 6.60 39.42 0.04
N LEU B 224 6.42 38.12 -0.20
CA LEU B 224 7.00 37.09 0.66
C LEU B 224 8.43 36.80 0.21
N ASP B 225 9.29 37.79 0.43
CA ASP B 225 10.67 37.70 -0.03
C ASP B 225 11.48 36.69 0.79
N ASN B 226 11.17 36.53 2.06
CA ASN B 226 11.94 35.67 2.95
C ASN B 226 11.31 34.30 3.15
N LEU B 227 10.24 33.98 2.41
CA LEU B 227 9.58 32.70 2.58
C LEU B 227 10.52 31.56 2.22
N GLU B 228 10.55 30.53 3.07
CA GLU B 228 11.39 29.37 2.85
C GLU B 228 10.63 28.05 2.88
N THR B 229 9.35 28.06 3.23
CA THR B 229 8.56 26.84 3.25
C THR B 229 7.12 27.17 2.88
N LEU B 230 6.62 26.51 1.84
CA LEU B 230 5.23 26.67 1.42
C LEU B 230 4.60 25.29 1.32
N ASP B 231 3.42 25.14 1.92
CA ASP B 231 2.73 23.86 1.97
C ASP B 231 1.33 24.04 1.40
N LEU B 232 1.05 23.38 0.26
CA LEU B 232 -0.25 23.46 -0.40
C LEU B 232 -0.85 22.09 -0.63
N ASN B 233 -0.45 21.13 0.17
CA ASN B 233 -0.89 19.76 -0.07
C ASN B 233 -2.39 19.65 0.17
N TYR B 234 -3.06 18.61 -0.30
CA TYR B 234 -4.48 18.29 -0.05
C TYR B 234 -5.37 19.51 -0.35
N ASN B 235 -5.28 19.97 -1.59
CA ASN B 235 -6.10 21.09 -2.03
C ASN B 235 -6.87 20.73 -3.28
N ASN B 236 -7.52 21.71 -3.89
CA ASN B 236 -8.28 21.50 -5.11
C ASN B 236 -7.68 22.25 -6.29
N LEU B 237 -6.35 22.39 -6.30
CA LEU B 237 -5.69 23.04 -7.41
C LEU B 237 -5.73 22.15 -8.64
N GLY B 238 -6.13 22.72 -9.78
CA GLY B 238 -6.16 21.98 -11.02
C GLY B 238 -5.17 22.55 -12.02
N GLU B 239 -4.95 23.86 -11.94
CA GLU B 239 -3.96 24.55 -12.75
C GLU B 239 -2.74 24.86 -11.88
N PHE B 240 -1.58 24.89 -12.50
CA PHE B 240 -0.35 25.09 -11.74
C PHE B 240 -0.31 26.52 -11.19
N PRO B 241 0.09 26.68 -9.93
CA PRO B 241 0.16 28.03 -9.34
C PRO B 241 1.27 28.88 -9.95
N GLN B 242 0.90 29.98 -10.61
CA GLN B 242 1.86 30.90 -11.17
C GLN B 242 2.48 31.84 -10.14
N ALA B 243 1.92 31.88 -8.93
CA ALA B 243 2.36 32.87 -7.96
C ALA B 243 3.74 32.55 -7.38
N ILE B 244 4.08 31.26 -7.25
CA ILE B 244 5.30 30.87 -6.58
C ILE B 244 6.55 31.39 -7.28
N LYS B 245 6.39 32.03 -8.45
CA LYS B 245 7.51 32.69 -9.10
C LYS B 245 8.00 33.91 -8.34
N ALA B 246 7.26 34.37 -7.32
CA ALA B 246 7.64 35.55 -6.55
C ALA B 246 8.15 35.19 -5.16
N LEU B 247 8.80 34.04 -5.02
CA LEU B 247 9.36 33.58 -3.74
C LEU B 247 10.82 33.22 -3.96
N PRO B 248 11.71 34.22 -3.99
CA PRO B 248 13.13 33.95 -4.29
C PRO B 248 13.83 33.08 -3.27
N SER B 249 13.34 33.01 -2.03
CA SER B 249 14.02 32.29 -0.97
C SER B 249 13.42 30.92 -0.70
N LEU B 250 12.56 30.42 -1.58
CA LEU B 250 11.89 29.15 -1.34
C LEU B 250 12.89 28.02 -1.25
N LYS B 251 12.72 27.17 -0.24
CA LYS B 251 13.55 25.99 -0.06
C LYS B 251 12.75 24.70 0.00
N GLU B 252 11.52 24.74 0.54
CA GLU B 252 10.66 23.58 0.58
C GLU B 252 9.31 23.96 0.00
N LEU B 253 8.83 23.18 -0.96
CA LEU B 253 7.54 23.42 -1.59
C LEU B 253 6.78 22.11 -1.66
N GLY B 254 5.52 22.14 -1.24
CA GLY B 254 4.71 20.94 -1.26
C GLY B 254 3.32 21.17 -1.83
N PHE B 255 2.96 20.41 -2.86
CA PHE B 255 1.62 20.47 -3.42
C PHE B 255 1.11 19.08 -3.78
N HIS B 256 1.53 18.06 -3.04
CA HIS B 256 1.07 16.71 -3.31
C HIS B 256 -0.39 16.55 -2.93
N SER B 257 -1.02 15.53 -3.50
CA SER B 257 -2.44 15.22 -3.27
C SER B 257 -3.33 16.36 -3.73
N ASN B 258 -3.11 16.82 -4.95
CA ASN B 258 -3.91 17.85 -5.58
C ASN B 258 -4.56 17.28 -6.85
N SER B 259 -5.18 18.15 -7.64
CA SER B 259 -5.77 17.71 -8.92
C SER B 259 -4.85 18.08 -10.07
N ILE B 260 -3.74 18.75 -9.80
CA ILE B 260 -2.89 19.28 -10.86
C ILE B 260 -2.49 18.16 -11.80
N SER B 261 -2.40 18.49 -13.09
CA SER B 261 -2.07 17.49 -14.10
C SER B 261 -0.92 17.94 -14.99
N VAL B 262 -0.77 19.24 -15.18
CA VAL B 262 0.22 19.81 -16.07
C VAL B 262 1.16 20.70 -15.25
N ILE B 263 2.45 20.41 -15.31
CA ILE B 263 3.48 21.25 -14.70
C ILE B 263 4.30 21.85 -15.84
N PRO B 264 4.11 23.12 -16.17
CA PRO B 264 4.73 23.68 -17.37
C PRO B 264 6.17 24.12 -17.12
N ASP B 265 6.87 24.39 -18.22
CA ASP B 265 8.22 24.91 -18.16
C ASP B 265 8.24 26.27 -17.48
N GLY B 266 9.33 26.54 -16.77
CA GLY B 266 9.41 27.76 -15.98
C GLY B 266 8.60 27.73 -14.72
N ALA B 267 8.22 26.54 -14.24
CA ALA B 267 7.45 26.45 -13.02
C ALA B 267 8.23 26.95 -11.81
N PHE B 268 9.53 26.64 -11.76
CA PHE B 268 10.36 26.98 -10.61
C PHE B 268 11.46 27.97 -10.98
N ASP B 269 11.31 28.70 -12.09
CA ASP B 269 12.38 29.58 -12.53
C ASP B 269 12.63 30.72 -11.55
N GLY B 270 11.60 31.18 -10.85
CA GLY B 270 11.75 32.29 -9.93
C GLY B 270 12.27 31.94 -8.56
N ASN B 271 12.42 30.65 -8.25
CA ASN B 271 12.85 30.18 -6.94
C ASN B 271 13.98 29.18 -7.11
N PRO B 272 15.22 29.65 -7.25
CA PRO B 272 16.35 28.77 -7.52
C PRO B 272 16.96 28.12 -6.29
N LEU B 273 16.38 28.28 -5.10
CA LEU B 273 16.93 27.70 -3.88
C LEU B 273 16.17 26.47 -3.43
N LEU B 274 15.36 25.89 -4.30
CA LEU B 274 14.53 24.75 -3.91
C LEU B 274 15.39 23.55 -3.55
N ARG B 275 14.95 22.82 -2.53
CA ARG B 275 15.65 21.62 -2.08
C ARG B 275 14.79 20.37 -2.17
N THR B 276 13.52 20.44 -1.79
CA THR B 276 12.60 19.32 -1.92
C THR B 276 11.30 19.80 -2.54
N ILE B 277 10.71 18.98 -3.40
CA ILE B 277 9.41 19.24 -3.99
C ILE B 277 8.56 17.99 -3.83
N HIS B 278 7.37 18.16 -3.26
CA HIS B 278 6.44 17.05 -3.07
C HIS B 278 5.31 17.17 -4.07
N LEU B 279 5.22 16.20 -4.98
CA LEU B 279 4.18 16.24 -6.02
C LEU B 279 3.54 14.88 -6.25
N TYR B 280 3.67 13.95 -5.30
CA TYR B 280 3.05 12.64 -5.46
C TYR B 280 1.54 12.74 -5.25
N ASP B 281 0.86 11.61 -5.44
CA ASP B 281 -0.59 11.50 -5.28
C ASP B 281 -1.33 12.47 -6.19
N ASN B 282 -0.66 13.00 -7.21
CA ASN B 282 -1.25 13.95 -8.14
C ASN B 282 -1.44 13.27 -9.49
N PRO B 283 -2.62 13.29 -10.06
CA PRO B 283 -2.78 12.73 -11.41
C PRO B 283 -2.16 13.65 -12.44
N LEU B 284 -0.98 13.27 -12.94
CA LEU B 284 -0.24 14.08 -13.89
C LEU B 284 -0.25 13.42 -15.26
N SER B 285 -0.35 14.24 -16.30
CA SER B 285 -0.22 13.76 -17.67
C SER B 285 1.09 14.22 -18.30
N PHE B 286 1.37 15.52 -18.28
CA PHE B 286 2.53 16.08 -18.94
C PHE B 286 3.31 16.95 -17.96
N VAL B 287 4.63 16.81 -17.98
CA VAL B 287 5.54 17.64 -17.21
C VAL B 287 6.54 18.25 -18.19
N GLY B 288 6.75 19.55 -18.08
CA GLY B 288 7.61 20.23 -19.03
C GLY B 288 9.02 19.67 -19.02
N ASN B 289 9.65 19.70 -20.20
CA ASN B 289 11.00 19.15 -20.32
C ASN B 289 12.01 19.97 -19.54
N SER B 290 11.76 21.27 -19.36
CA SER B 290 12.64 22.14 -18.60
C SER B 290 12.07 22.49 -17.23
N ALA B 291 11.13 21.68 -16.73
CA ALA B 291 10.50 21.97 -15.45
C ALA B 291 11.49 21.93 -14.31
N PHE B 292 12.42 20.99 -14.34
CA PHE B 292 13.33 20.73 -13.22
C PHE B 292 14.78 21.03 -13.59
N HIS B 293 15.03 22.15 -14.24
CA HIS B 293 16.37 22.59 -14.56
C HIS B 293 16.73 23.84 -13.75
N ASN B 294 18.03 24.02 -13.53
CA ASN B 294 18.62 25.12 -12.77
C ASN B 294 18.29 25.07 -11.28
N LEU B 295 17.76 23.96 -10.78
CA LEU B 295 17.57 23.76 -9.34
C LEU B 295 18.85 23.10 -8.82
N SER B 296 19.79 23.94 -8.36
CA SER B 296 21.09 23.42 -7.98
C SER B 296 21.13 22.54 -6.73
N ASP B 297 20.33 22.84 -5.72
CA ASP B 297 20.36 22.10 -4.47
C ASP B 297 19.16 21.12 -4.29
N LEU B 298 18.50 20.83 -5.40
CA LEU B 298 17.39 19.88 -5.37
C LEU B 298 18.11 18.55 -5.19
N HIS B 299 17.62 17.75 -4.24
CA HIS B 299 18.28 16.49 -3.88
C HIS B 299 17.45 15.26 -4.19
N SER B 300 16.21 15.42 -4.66
CA SER B 300 15.38 14.28 -4.97
C SER B 300 14.36 14.67 -6.04
N LEU B 301 13.84 13.67 -6.73
CA LEU B 301 12.87 13.90 -7.79
C LEU B 301 12.08 12.62 -8.01
N VAL B 302 10.79 12.65 -7.74
CA VAL B 302 9.92 11.49 -7.90
C VAL B 302 8.70 11.91 -8.71
N ILE B 303 8.56 11.33 -9.90
CA ILE B 303 7.44 11.62 -10.80
C ILE B 303 6.82 10.29 -11.20
N ARG B 304 5.53 10.13 -10.94
CA ARG B 304 4.81 8.90 -11.25
C ARG B 304 3.52 9.23 -11.96
N GLY B 305 3.20 8.47 -13.01
CA GLY B 305 1.94 8.62 -13.71
C GLY B 305 1.93 9.60 -14.85
N ALA B 306 3.02 10.34 -15.08
CA ALA B 306 3.05 11.37 -16.12
C ALA B 306 3.13 10.68 -17.47
N SER B 307 1.97 10.23 -17.94
CA SER B 307 1.91 9.31 -19.08
C SER B 307 2.20 10.00 -20.41
N MET B 308 2.16 11.33 -20.48
CA MET B 308 2.42 12.01 -21.74
C MET B 308 3.87 12.45 -21.89
N VAL B 309 4.75 12.09 -20.96
CA VAL B 309 6.16 12.40 -21.06
C VAL B 309 6.84 11.34 -21.92
N GLN B 310 7.65 11.78 -22.88
CA GLN B 310 8.33 10.86 -23.79
C GLN B 310 9.82 11.14 -23.95
N GLN B 311 10.34 12.20 -23.33
CA GLN B 311 11.76 12.48 -23.37
C GLN B 311 12.26 12.80 -21.96
N PHE B 312 13.54 12.53 -21.72
CA PHE B 312 14.09 12.73 -20.40
C PHE B 312 14.14 14.21 -20.06
N PRO B 313 13.85 14.58 -18.80
CA PRO B 313 13.84 16.00 -18.44
C PRO B 313 15.20 16.64 -18.59
N ASN B 314 15.19 17.92 -18.96
CA ASN B 314 16.41 18.72 -19.01
C ASN B 314 16.86 18.97 -17.58
N LEU B 315 17.90 18.24 -17.16
CA LEU B 315 18.38 18.31 -15.78
C LEU B 315 19.65 19.14 -15.65
N THR B 316 20.02 19.91 -16.67
CA THR B 316 21.18 20.77 -16.58
C THR B 316 21.00 21.77 -15.44
N GLY B 317 22.02 21.88 -14.61
CA GLY B 317 21.96 22.68 -13.41
C GLY B 317 21.52 21.92 -12.17
N THR B 318 20.94 20.73 -12.33
CA THR B 318 20.54 19.89 -11.22
C THR B 318 21.60 18.80 -11.08
N VAL B 319 22.58 19.03 -10.20
CA VAL B 319 23.71 18.14 -10.07
C VAL B 319 23.80 17.49 -8.70
N HIS B 320 23.00 17.93 -7.72
CA HIS B 320 23.02 17.36 -6.38
C HIS B 320 21.86 16.40 -6.15
N LEU B 321 21.44 15.69 -7.20
CA LEU B 321 20.32 14.76 -7.08
C LEU B 321 20.80 13.46 -6.43
N GLU B 322 20.05 12.99 -5.43
CA GLU B 322 20.33 11.71 -4.79
C GLU B 322 19.41 10.60 -5.27
N SER B 323 18.16 10.91 -5.57
CA SER B 323 17.20 9.93 -6.06
C SER B 323 16.55 10.45 -7.35
N LEU B 324 16.02 9.52 -8.13
CA LEU B 324 15.36 9.86 -9.37
C LEU B 324 14.35 8.77 -9.68
N THR B 325 13.10 9.15 -9.91
CA THR B 325 12.01 8.19 -10.11
C THR B 325 11.10 8.72 -11.21
N LEU B 326 11.21 8.15 -12.40
CA LEU B 326 10.34 8.44 -13.53
C LEU B 326 9.61 7.15 -13.88
N THR B 327 8.35 7.04 -13.48
CA THR B 327 7.59 5.80 -13.58
C THR B 327 6.29 6.05 -14.34
N GLY B 328 5.90 5.10 -15.16
CA GLY B 328 4.64 5.16 -15.89
C GLY B 328 4.59 6.22 -16.97
N THR B 329 5.69 6.44 -17.67
CA THR B 329 5.75 7.40 -18.76
C THR B 329 6.11 6.66 -20.05
N LYS B 330 6.36 7.41 -21.12
CA LYS B 330 6.67 6.85 -22.42
C LYS B 330 8.09 7.18 -22.86
N ILE B 331 9.01 7.36 -21.91
CA ILE B 331 10.40 7.64 -22.27
C ILE B 331 11.06 6.37 -22.77
N SER B 332 11.76 6.47 -23.89
CA SER B 332 12.46 5.33 -24.48
C SER B 332 13.97 5.48 -24.48
N SER B 333 14.50 6.58 -23.94
CA SER B 333 15.93 6.82 -23.95
C SER B 333 16.36 7.37 -22.60
N ILE B 334 17.63 7.13 -22.26
CA ILE B 334 18.26 7.69 -21.07
C ILE B 334 19.50 8.44 -21.53
N PRO B 335 19.69 9.69 -21.12
CA PRO B 335 20.84 10.46 -21.61
C PRO B 335 22.16 9.81 -21.26
N ASN B 336 23.11 9.89 -22.19
CA ASN B 336 24.42 9.30 -21.97
C ASN B 336 25.25 10.07 -20.96
N ASN B 337 24.84 11.28 -20.59
CA ASN B 337 25.57 12.09 -19.63
C ASN B 337 24.91 12.12 -18.26
N LEU B 338 23.88 11.30 -18.04
CA LEU B 338 23.23 11.25 -16.73
C LEU B 338 24.19 10.77 -15.66
N CYS B 339 24.97 9.74 -15.97
CA CYS B 339 25.95 9.23 -15.01
C CYS B 339 27.06 10.24 -14.74
N GLN B 340 27.51 10.94 -15.78
CA GLN B 340 28.64 11.86 -15.63
C GLN B 340 28.27 13.16 -14.97
N GLU B 341 26.98 13.50 -14.89
CA GLU B 341 26.56 14.77 -14.28
C GLU B 341 26.21 14.61 -12.81
N GLN B 342 25.23 13.73 -12.53
CA GLN B 342 24.78 13.44 -11.15
C GLN B 342 25.90 12.67 -10.42
N LYS B 343 26.82 13.36 -9.75
CA LYS B 343 27.89 12.65 -9.05
C LYS B 343 27.37 11.95 -7.80
N MET B 344 26.42 12.57 -7.10
CA MET B 344 25.93 12.06 -5.83
C MET B 344 24.69 11.18 -5.99
N LEU B 345 24.43 10.67 -7.18
CA LEU B 345 23.25 9.85 -7.39
C LEU B 345 23.37 8.55 -6.61
N ARG B 346 22.28 8.17 -5.93
CA ARG B 346 22.25 6.98 -5.10
C ARG B 346 21.21 5.98 -5.53
N THR B 347 20.02 6.43 -5.93
CA THR B 347 18.96 5.55 -6.40
C THR B 347 18.51 6.00 -7.78
N LEU B 348 18.10 5.05 -8.60
CA LEU B 348 17.66 5.32 -9.97
C LEU B 348 16.53 4.37 -10.31
N ASP B 349 15.31 4.88 -10.35
CA ASP B 349 14.13 4.10 -10.70
C ASP B 349 13.62 4.59 -12.05
N LEU B 350 13.64 3.70 -13.04
CA LEU B 350 13.21 4.01 -14.40
C LEU B 350 12.32 2.90 -14.92
N SER B 351 11.45 2.37 -14.07
CA SER B 351 10.57 1.28 -14.45
C SER B 351 9.32 1.81 -15.16
N TYR B 352 8.55 0.88 -15.73
CA TYR B 352 7.26 1.17 -16.34
C TYR B 352 7.38 2.16 -17.50
N ASN B 353 8.47 2.08 -18.24
CA ASN B 353 8.67 2.95 -19.39
C ASN B 353 8.95 2.13 -20.64
N ASN B 354 9.33 2.80 -21.73
CA ASN B 354 9.64 2.14 -22.99
C ASN B 354 11.13 2.14 -23.29
N ILE B 355 11.96 2.15 -22.24
CA ILE B 355 13.45 2.15 -22.40
C ILE B 355 13.87 0.79 -22.94
N ARG B 356 14.58 0.72 -24.06
CA ARG B 356 15.03 -0.52 -24.69
C ARG B 356 16.53 -0.58 -24.84
N ASP B 357 17.23 0.56 -24.76
CA ASP B 357 18.71 0.61 -24.93
C ASP B 357 19.29 1.31 -23.70
N LEU B 358 20.26 0.72 -23.00
CA LEU B 358 20.75 1.32 -21.78
C LEU B 358 22.05 2.08 -22.04
N PRO B 359 22.26 3.20 -21.35
CA PRO B 359 23.53 3.91 -21.48
C PRO B 359 24.63 3.25 -20.67
N SER B 360 25.80 3.87 -20.62
CA SER B 360 26.90 3.36 -19.81
C SER B 360 26.87 4.05 -18.45
N PHE B 361 26.83 3.25 -17.39
CA PHE B 361 26.70 3.73 -16.03
C PHE B 361 28.03 3.96 -15.35
N ASN B 362 29.14 3.85 -16.08
CA ASN B 362 30.47 3.84 -15.47
C ASN B 362 30.77 5.13 -14.72
N GLY B 363 30.11 6.23 -15.06
CA GLY B 363 30.44 7.50 -14.43
C GLY B 363 30.08 7.54 -12.95
N CYS B 364 28.91 7.05 -12.59
CA CYS B 364 28.42 7.19 -11.21
C CYS B 364 29.01 6.10 -10.33
N HIS B 365 29.57 6.51 -9.20
CA HIS B 365 30.16 5.58 -8.23
C HIS B 365 29.30 5.36 -7.01
N ALA B 366 28.51 6.35 -6.59
CA ALA B 366 27.67 6.21 -5.40
C ALA B 366 26.35 5.54 -5.69
N LEU B 367 26.08 5.17 -6.94
CA LEU B 367 24.82 4.52 -7.29
C LEU B 367 24.73 3.16 -6.62
N GLU B 368 23.67 2.92 -5.83
CA GLU B 368 23.51 1.68 -5.01
C GLU B 368 22.26 0.88 -5.36
N GLU B 369 21.27 1.44 -6.06
CA GLU B 369 20.11 0.70 -6.53
C GLU B 369 19.76 1.14 -7.95
N ILE B 370 19.43 0.18 -8.80
CA ILE B 370 19.00 0.46 -10.16
C ILE B 370 17.77 -0.41 -10.44
N SER B 371 16.69 0.22 -10.89
CA SER B 371 15.46 -0.49 -11.23
C SER B 371 15.14 -0.22 -12.69
N LEU B 372 15.08 -1.28 -13.48
CA LEU B 372 14.72 -1.24 -14.89
C LEU B 372 13.61 -2.23 -15.16
N GLN B 373 12.67 -2.33 -14.23
CA GLN B 373 11.63 -3.33 -14.29
C GLN B 373 10.54 -2.93 -15.30
N ARG B 374 10.02 -3.92 -16.01
CA ARG B 374 8.89 -3.75 -16.92
C ARG B 374 9.21 -2.70 -18.00
N ASN B 375 10.33 -2.92 -18.68
CA ASN B 375 10.76 -2.05 -19.80
C ASN B 375 10.90 -2.98 -21.01
N GLN B 376 11.46 -2.51 -22.12
CA GLN B 376 11.68 -3.27 -23.35
C GLN B 376 13.17 -3.47 -23.62
N ILE B 377 13.98 -3.58 -22.57
CA ILE B 377 15.40 -3.87 -22.75
C ILE B 377 15.56 -5.29 -23.26
N TYR B 378 16.36 -5.47 -24.31
CA TYR B 378 16.52 -6.77 -24.94
C TYR B 378 17.95 -7.29 -24.89
N GLN B 379 18.89 -6.55 -24.31
CA GLN B 379 20.27 -7.02 -24.24
C GLN B 379 20.99 -6.29 -23.13
N ILE B 380 21.88 -7.02 -22.44
CA ILE B 380 22.77 -6.46 -21.44
C ILE B 380 24.19 -6.69 -21.92
N LYS B 381 24.89 -5.60 -22.24
CA LYS B 381 26.27 -5.70 -22.70
C LYS B 381 27.23 -5.43 -21.55
N GLU B 382 28.47 -5.91 -21.72
CA GLU B 382 29.43 -5.89 -20.62
C GLU B 382 29.77 -4.49 -20.15
N GLY B 383 29.56 -3.47 -20.99
CA GLY B 383 29.86 -2.11 -20.58
C GLY B 383 28.78 -1.39 -19.83
N THR B 384 27.57 -1.96 -19.77
CA THR B 384 26.45 -1.26 -19.15
C THR B 384 26.67 -1.05 -17.66
N PHE B 385 27.17 -2.07 -16.96
CA PHE B 385 27.34 -2.01 -15.51
C PHE B 385 28.80 -1.99 -15.09
N GLN B 386 29.69 -1.59 -15.99
CA GLN B 386 31.11 -1.55 -15.65
C GLN B 386 31.40 -0.38 -14.72
N GLY B 387 32.17 -0.65 -13.67
CA GLY B 387 32.59 0.38 -12.73
C GLY B 387 31.68 0.85 -11.63
N LEU B 388 30.48 0.28 -11.51
CA LEU B 388 29.56 0.67 -10.43
C LEU B 388 30.03 -0.10 -9.18
N ILE B 389 30.93 0.57 -8.46
CA ILE B 389 31.68 -0.11 -7.40
C ILE B 389 30.78 -0.27 -6.18
N SER B 390 29.67 0.48 -6.12
CA SER B 390 28.81 0.46 -4.94
C SER B 390 27.40 -0.07 -5.19
N LEU B 391 27.14 -0.61 -6.39
CA LEU B 391 25.79 -1.13 -6.73
C LEU B 391 25.49 -2.36 -5.86
N ARG B 392 24.35 -2.38 -5.17
CA ARG B 392 23.94 -3.48 -4.30
C ARG B 392 22.72 -4.22 -4.82
N ILE B 393 21.74 -3.51 -5.36
CA ILE B 393 20.49 -4.11 -5.83
C ILE B 393 20.32 -3.77 -7.30
N LEU B 394 20.01 -4.79 -8.10
CA LEU B 394 19.80 -4.62 -9.53
C LEU B 394 18.51 -5.33 -9.91
N ASP B 395 17.65 -4.65 -10.67
CA ASP B 395 16.36 -5.21 -11.06
C ASP B 395 16.22 -5.12 -12.57
N LEU B 396 15.95 -6.27 -13.21
CA LEU B 396 15.71 -6.34 -14.64
C LEU B 396 14.50 -7.20 -14.94
N SER B 397 13.55 -7.27 -14.01
CA SER B 397 12.41 -8.15 -14.14
C SER B 397 11.48 -7.70 -15.26
N ARG B 398 10.85 -8.69 -15.90
CA ARG B 398 9.79 -8.46 -16.89
C ARG B 398 10.27 -7.56 -18.03
N ASN B 399 11.35 -7.90 -18.69
CA ASN B 399 11.79 -7.18 -19.91
C ASN B 399 11.93 -8.24 -21.00
N LEU B 400 12.53 -7.93 -22.14
CA LEU B 400 12.73 -8.81 -23.28
C LEU B 400 14.20 -9.17 -23.48
N ILE B 401 14.96 -9.26 -22.39
CA ILE B 401 16.37 -9.60 -22.49
C ILE B 401 16.51 -11.05 -22.92
N HIS B 402 17.27 -11.28 -23.99
CA HIS B 402 17.55 -12.61 -24.48
C HIS B 402 19.03 -12.94 -24.55
N GLU B 403 19.90 -12.00 -24.19
CA GLU B 403 21.34 -12.24 -24.22
C GLU B 403 22.00 -11.37 -23.17
N ILE B 404 22.72 -11.99 -22.24
CA ILE B 404 23.52 -11.29 -21.25
C ILE B 404 24.98 -11.68 -21.46
N HIS B 405 25.84 -10.68 -21.57
CA HIS B 405 27.27 -10.94 -21.77
C HIS B 405 27.81 -11.75 -20.59
N SER B 406 28.72 -12.67 -20.90
CA SER B 406 29.23 -13.57 -19.87
C SER B 406 29.95 -12.81 -18.76
N ARG B 407 30.49 -11.64 -19.05
CA ARG B 407 31.20 -10.84 -18.07
C ARG B 407 30.48 -9.53 -17.78
N ALA B 408 29.15 -9.53 -17.85
CA ALA B 408 28.38 -8.32 -17.58
C ALA B 408 28.55 -7.87 -16.14
N PHE B 409 28.56 -8.82 -15.20
CA PHE B 409 28.71 -8.52 -13.78
C PHE B 409 30.12 -8.76 -13.28
N ALA B 410 31.09 -8.95 -14.19
CA ALA B 410 32.44 -9.31 -13.77
C ALA B 410 33.15 -8.40 -12.77
N THR B 411 33.24 -7.12 -13.05
CA THR B 411 33.90 -6.16 -12.16
C THR B 411 32.96 -5.27 -11.29
N LEU B 412 31.67 -5.57 -11.54
CA LEU B 412 30.60 -4.93 -10.74
C LEU B 412 30.96 -5.29 -9.31
N GLY B 413 30.75 -4.39 -8.38
CA GLY B 413 31.15 -4.55 -7.00
C GLY B 413 30.32 -5.56 -6.24
N PRO B 414 30.21 -5.36 -4.92
CA PRO B 414 29.47 -6.32 -4.07
C PRO B 414 27.97 -6.14 -4.21
N ILE B 415 27.33 -7.08 -4.89
CA ILE B 415 25.90 -7.02 -5.19
C ILE B 415 25.20 -8.14 -4.43
N THR B 416 24.10 -7.82 -3.77
CA THR B 416 23.34 -8.81 -3.01
C THR B 416 22.12 -9.32 -3.76
N ASN B 417 21.33 -8.44 -4.34
CA ASN B 417 20.09 -8.81 -5.01
C ASN B 417 20.26 -8.70 -6.52
N LEU B 418 19.81 -9.73 -7.24
CA LEU B 418 19.72 -9.72 -8.68
C LEU B 418 18.36 -10.25 -9.09
N ASP B 419 17.78 -9.66 -10.12
CA ASP B 419 16.42 -10.01 -10.52
C ASP B 419 16.31 -9.87 -12.03
N VAL B 420 16.21 -10.99 -12.73
CA VAL B 420 16.01 -11.01 -14.17
C VAL B 420 14.79 -11.86 -14.50
N SER B 421 13.84 -11.89 -13.57
CA SER B 421 12.67 -12.75 -13.72
C SER B 421 11.82 -12.34 -14.92
N PHE B 422 11.17 -13.34 -15.53
CA PHE B 422 10.19 -13.15 -16.59
C PHE B 422 10.80 -12.53 -17.84
N ASN B 423 12.05 -12.86 -18.14
CA ASN B 423 12.65 -12.58 -19.43
C ASN B 423 12.68 -13.87 -20.24
N GLU B 424 13.32 -13.84 -21.41
CA GLU B 424 13.57 -15.03 -22.20
C GLU B 424 15.08 -15.21 -22.29
N LEU B 425 15.65 -15.84 -21.27
CA LEU B 425 17.09 -16.03 -21.18
C LEU B 425 17.44 -17.46 -21.55
N THR B 426 18.46 -17.61 -22.39
CA THR B 426 18.94 -18.93 -22.79
C THR B 426 20.09 -19.40 -21.91
N SER B 427 20.98 -18.49 -21.53
CA SER B 427 22.11 -18.82 -20.67
C SER B 427 22.27 -17.71 -19.64
N PHE B 428 22.96 -18.05 -18.55
CA PHE B 428 23.19 -17.09 -17.47
C PHE B 428 24.67 -17.05 -17.11
N PRO B 429 25.22 -15.86 -16.89
CA PRO B 429 26.64 -15.76 -16.50
C PRO B 429 26.87 -16.22 -15.08
N THR B 430 28.14 -16.47 -14.77
CA THR B 430 28.55 -16.94 -13.45
C THR B 430 29.56 -16.02 -12.78
N GLU B 431 30.51 -15.47 -13.54
CA GLU B 431 31.58 -14.68 -12.95
C GLU B 431 31.05 -13.39 -12.34
N GLY B 432 31.58 -13.03 -11.18
CA GLY B 432 31.24 -11.80 -10.50
C GLY B 432 30.01 -11.87 -9.62
N LEU B 433 29.34 -13.03 -9.55
CA LEU B 433 28.09 -13.16 -8.76
C LEU B 433 28.33 -14.07 -7.53
N ASN B 434 29.59 -14.28 -7.11
CA ASN B 434 29.84 -15.17 -5.98
C ASN B 434 29.24 -14.62 -4.69
N GLY B 435 29.38 -13.33 -4.45
CA GLY B 435 28.84 -12.74 -3.24
C GLY B 435 27.42 -12.24 -3.39
N LEU B 436 26.58 -12.98 -4.13
CA LEU B 436 25.17 -12.58 -4.40
C LEU B 436 24.27 -13.32 -3.42
N ASN B 437 23.58 -12.62 -2.52
CA ASN B 437 22.73 -13.23 -1.50
C ASN B 437 21.42 -13.73 -2.09
N GLN B 438 20.85 -13.00 -3.03
CA GLN B 438 19.53 -13.33 -3.58
C GLN B 438 19.60 -13.36 -5.10
N LEU B 439 18.87 -14.31 -5.68
CA LEU B 439 18.80 -14.47 -7.13
C LEU B 439 17.38 -14.88 -7.51
N LYS B 440 16.89 -14.32 -8.61
CA LYS B 440 15.52 -14.59 -9.07
C LYS B 440 15.56 -14.81 -10.59
N LEU B 441 15.34 -16.05 -11.01
CA LEU B 441 15.40 -16.41 -12.43
C LEU B 441 14.07 -16.97 -12.94
N VAL B 442 12.99 -16.85 -12.18
CA VAL B 442 11.72 -17.47 -12.58
C VAL B 442 11.19 -16.82 -13.84
N GLY B 443 10.41 -17.59 -14.61
CA GLY B 443 9.77 -17.09 -15.80
C GLY B 443 10.58 -17.22 -17.07
N ASN B 444 11.85 -17.61 -16.99
CA ASN B 444 12.69 -17.79 -18.17
C ASN B 444 12.64 -19.27 -18.55
N PHE B 445 11.55 -19.65 -19.24
CA PHE B 445 11.31 -21.05 -19.56
C PHE B 445 12.34 -21.61 -20.53
N LYS B 446 13.02 -20.77 -21.30
CA LYS B 446 14.06 -21.24 -22.21
C LYS B 446 15.38 -21.51 -21.51
N LEU B 447 15.52 -21.12 -20.25
CA LEU B 447 16.75 -21.33 -19.50
C LEU B 447 16.75 -22.77 -18.99
N LYS B 448 17.24 -23.68 -19.83
CA LYS B 448 17.27 -25.09 -19.50
C LYS B 448 18.61 -25.55 -18.94
N GLU B 449 19.55 -24.64 -18.72
CA GLU B 449 20.84 -25.02 -18.19
C GLU B 449 20.76 -25.23 -16.68
N ALA B 450 21.88 -25.61 -16.08
CA ALA B 450 21.98 -25.88 -14.65
C ALA B 450 22.96 -24.91 -14.02
N LEU B 451 22.56 -24.31 -12.90
CA LEU B 451 23.42 -23.36 -12.19
C LEU B 451 24.26 -24.10 -11.16
N ALA B 452 25.57 -24.06 -11.32
CA ALA B 452 26.45 -24.72 -10.38
C ALA B 452 26.49 -23.97 -9.06
N ALA B 453 26.37 -24.72 -7.96
CA ALA B 453 26.40 -24.11 -6.64
C ALA B 453 27.80 -23.65 -6.23
N LYS B 454 28.82 -24.02 -6.99
CA LYS B 454 30.17 -23.56 -6.67
C LYS B 454 30.31 -22.05 -6.82
N ASP B 455 29.65 -21.49 -7.83
CA ASP B 455 29.76 -20.05 -8.08
C ASP B 455 29.07 -19.25 -6.99
N PHE B 456 27.82 -19.58 -6.69
CA PHE B 456 27.02 -18.82 -5.69
C PHE B 456 27.29 -19.41 -4.30
N VAL B 457 28.47 -19.15 -3.72
CA VAL B 457 28.85 -19.70 -2.43
C VAL B 457 28.13 -19.03 -1.27
N ASN B 458 27.56 -17.84 -1.49
CA ASN B 458 26.90 -17.09 -0.42
C ASN B 458 25.41 -16.86 -0.67
N LEU B 459 24.86 -17.51 -1.70
CA LEU B 459 23.42 -17.31 -2.06
C LEU B 459 22.55 -17.81 -0.90
N ARG B 460 21.47 -17.10 -0.60
CA ARG B 460 20.52 -17.46 0.45
C ARG B 460 19.13 -17.79 -0.06
N SER B 461 18.61 -17.02 -1.02
CA SER B 461 17.28 -17.25 -1.58
C SER B 461 17.38 -17.30 -3.09
N LEU B 462 16.80 -18.34 -3.69
CA LEU B 462 16.92 -18.58 -5.12
C LEU B 462 15.54 -18.82 -5.73
N SER B 463 15.39 -18.42 -6.98
CA SER B 463 14.20 -18.71 -7.76
C SER B 463 14.65 -19.12 -9.16
N VAL B 464 14.19 -20.29 -9.61
CA VAL B 464 14.63 -20.82 -10.89
C VAL B 464 13.41 -21.21 -11.71
N PRO B 465 13.48 -21.17 -13.05
CA PRO B 465 12.31 -21.54 -13.86
C PRO B 465 11.85 -22.97 -13.69
N TYR B 466 12.78 -23.92 -13.49
CA TYR B 466 12.45 -25.32 -13.37
C TYR B 466 12.92 -25.87 -12.04
N ALA B 467 12.13 -26.77 -11.45
CA ALA B 467 12.44 -27.32 -10.14
C ALA B 467 13.71 -28.17 -10.15
N TYR B 468 14.13 -28.68 -11.32
CA TYR B 468 15.31 -29.54 -11.36
C TYR B 468 16.60 -28.74 -11.24
N GLN B 469 16.56 -27.44 -11.47
CA GLN B 469 17.79 -26.64 -11.38
C GLN B 469 18.20 -26.42 -9.93
N CYS B 470 17.25 -26.42 -9.00
CA CYS B 470 17.56 -26.21 -7.59
C CYS B 470 17.95 -27.50 -6.88
N CYS B 471 17.91 -28.64 -7.56
CA CYS B 471 18.30 -29.90 -6.93
C CYS B 471 19.78 -29.92 -6.63
N ALA B 472 20.61 -29.58 -7.61
CA ALA B 472 22.06 -29.56 -7.39
C ALA B 472 22.50 -28.42 -6.48
N PHE B 473 21.62 -27.43 -6.28
CA PHE B 473 21.97 -26.23 -5.47
C PHE B 473 21.86 -26.51 -3.99
N TRP B 474 20.68 -26.88 -3.48
CA TRP B 474 20.46 -27.04 -2.05
C TRP B 474 20.90 -28.40 -1.53
N GLY B 475 21.06 -29.38 -2.42
CA GLY B 475 21.42 -30.76 -2.04
C GLY B 475 20.33 -31.26 -1.09
N CYS B 476 20.69 -31.76 0.10
CA CYS B 476 19.69 -32.26 1.04
C CYS B 476 18.89 -31.17 1.72
N ASP B 477 19.36 -29.92 1.69
CA ASP B 477 18.64 -28.84 2.36
C ASP B 477 17.27 -28.60 1.73
N SER B 478 17.20 -28.59 0.41
CA SER B 478 15.95 -28.35 -0.30
C SER B 478 16.01 -28.88 -1.73
N SER B 516 24.73 -27.65 6.50
CA SER B 516 26.05 -27.06 6.70
C SER B 516 26.01 -25.55 6.55
N GLN B 517 25.16 -24.91 7.37
CA GLN B 517 25.01 -23.45 7.36
C GLN B 517 24.65 -22.94 5.97
N ILE B 518 23.80 -23.68 5.26
CA ILE B 518 23.36 -23.28 3.93
C ILE B 518 22.06 -22.48 3.99
N ILE B 519 21.01 -23.10 4.52
CA ILE B 519 19.70 -22.45 4.67
C ILE B 519 19.20 -21.86 3.35
N ILE B 520 19.57 -22.48 2.23
CA ILE B 520 19.19 -21.97 0.92
C ILE B 520 17.75 -22.34 0.64
N HIS B 521 16.95 -21.33 0.27
CA HIS B 521 15.54 -21.52 -0.03
C HIS B 521 15.30 -21.31 -1.51
N CYS B 522 14.70 -22.31 -2.16
CA CYS B 522 14.46 -22.29 -3.59
C CYS B 522 12.96 -22.26 -3.86
N THR B 523 12.52 -21.36 -4.73
CA THR B 523 11.09 -21.15 -4.95
C THR B 523 10.38 -22.39 -5.49
N PRO B 524 10.83 -23.04 -6.58
CA PRO B 524 10.14 -24.27 -7.00
C PRO B 524 10.67 -25.50 -6.27
N SER B 525 9.80 -26.14 -5.49
CA SER B 525 10.20 -27.25 -4.64
C SER B 525 10.23 -28.56 -5.43
N THR B 526 10.98 -29.52 -4.89
CA THR B 526 11.07 -30.87 -5.44
C THR B 526 10.43 -31.81 -4.43
N GLY B 527 9.12 -31.97 -4.52
CA GLY B 527 8.37 -32.78 -3.57
C GLY B 527 8.14 -34.21 -4.03
N ALA B 528 9.21 -34.89 -4.44
CA ALA B 528 9.24 -36.28 -4.87
C ALA B 528 8.48 -36.52 -6.17
N PHE B 529 7.82 -35.51 -6.72
CA PHE B 529 7.34 -35.55 -8.10
C PHE B 529 8.29 -34.84 -9.05
N LYS B 530 9.39 -34.29 -8.53
CA LYS B 530 10.51 -33.80 -9.32
C LYS B 530 11.75 -34.41 -8.70
N PRO B 531 12.00 -35.70 -8.96
CA PRO B 531 13.05 -36.41 -8.22
C PRO B 531 14.42 -35.80 -8.45
N CYS B 532 15.25 -35.84 -7.41
CA CYS B 532 16.59 -35.29 -7.46
C CYS B 532 17.60 -36.35 -7.91
N GLU B 533 17.52 -37.55 -7.36
CA GLU B 533 18.51 -38.59 -7.67
C GLU B 533 17.88 -39.70 -8.53
N TYR B 534 16.91 -40.45 -8.02
CA TYR B 534 16.31 -41.56 -8.75
C TYR B 534 14.85 -41.28 -9.13
N LEU B 535 14.49 -41.61 -10.37
CA LEU B 535 13.14 -41.35 -10.84
C LEU B 535 12.12 -42.23 -10.14
N LEU B 536 12.37 -43.54 -10.09
CA LEU B 536 11.40 -44.45 -9.50
C LEU B 536 11.39 -44.34 -7.98
N GLY B 537 12.57 -44.23 -7.36
CA GLY B 537 12.63 -44.04 -5.93
C GLY B 537 13.27 -45.19 -5.18
N SER B 538 12.54 -45.73 -4.20
CA SER B 538 13.06 -46.83 -3.35
C SER B 538 13.30 -48.05 -4.23
N TRP B 539 14.15 -48.96 -3.79
CA TRP B 539 14.47 -50.17 -4.56
C TRP B 539 13.30 -51.12 -4.79
N MET B 540 12.43 -51.28 -3.79
CA MET B 540 11.30 -52.18 -3.95
C MET B 540 10.38 -51.74 -5.07
N ILE B 541 10.17 -50.42 -5.20
CA ILE B 541 9.24 -49.86 -6.23
C ILE B 541 9.91 -50.01 -7.60
N ARG B 542 11.21 -49.95 -7.68
CA ARG B 542 11.91 -50.19 -8.94
C ARG B 542 11.81 -51.65 -9.37
N LEU B 543 12.04 -52.57 -8.42
CA LEU B 543 11.94 -53.98 -8.74
C LEU B 543 10.54 -54.38 -9.17
N THR B 544 9.51 -53.90 -8.45
CA THR B 544 8.16 -54.33 -8.82
C THR B 544 7.74 -53.72 -10.15
N VAL B 545 8.16 -52.49 -10.45
CA VAL B 545 7.85 -51.91 -11.75
C VAL B 545 8.54 -52.69 -12.87
N TRP B 546 9.80 -53.08 -12.65
CA TRP B 546 10.51 -53.88 -13.64
C TRP B 546 9.80 -55.22 -13.87
N PHE B 547 9.39 -55.88 -12.79
CA PHE B 547 8.69 -57.15 -12.90
C PHE B 547 7.37 -56.98 -13.64
N ILE B 548 6.62 -55.93 -13.32
CA ILE B 548 5.35 -55.67 -13.98
C ILE B 548 5.57 -55.48 -15.47
N PHE B 549 6.55 -54.67 -15.84
CA PHE B 549 6.83 -54.43 -17.25
C PHE B 549 7.17 -55.73 -17.97
N LEU B 550 8.06 -56.53 -17.37
CA LEU B 550 8.50 -57.76 -18.04
C LEU B 550 7.33 -58.72 -18.25
N VAL B 551 6.57 -58.98 -17.18
CA VAL B 551 5.48 -59.95 -17.30
C VAL B 551 4.41 -59.44 -18.26
N ALA B 552 4.07 -58.14 -18.18
CA ALA B 552 3.06 -57.61 -19.08
C ALA B 552 3.49 -57.74 -20.53
N LEU B 553 4.71 -57.31 -20.85
CA LEU B 553 5.19 -57.40 -22.22
C LEU B 553 5.16 -58.85 -22.72
N PHE B 554 5.76 -59.77 -21.96
CA PHE B 554 5.89 -61.13 -22.46
C PHE B 554 4.54 -61.82 -22.58
N PHE B 555 3.68 -61.68 -21.57
CA PHE B 555 2.40 -62.38 -21.62
C PHE B 555 1.46 -61.77 -22.65
N ASN B 556 1.48 -60.45 -22.81
CA ASN B 556 0.68 -59.85 -23.88
C ASN B 556 1.14 -60.32 -25.25
N LEU B 557 2.47 -60.39 -25.45
CA LEU B 557 2.98 -60.88 -26.71
C LEU B 557 2.54 -62.32 -26.97
N LEU B 558 2.61 -63.15 -25.92
CA LEU B 558 2.24 -64.58 -26.00
C LEU B 558 0.76 -64.71 -26.32
N VAL B 559 -0.11 -63.91 -25.68
CA VAL B 559 -1.55 -63.98 -25.90
C VAL B 559 -1.90 -63.53 -27.31
N ILE B 560 -1.26 -62.45 -27.78
CA ILE B 560 -1.50 -61.98 -29.14
C ILE B 560 -1.10 -63.05 -30.15
N LEU B 561 0.07 -63.65 -29.96
CA LEU B 561 0.55 -64.65 -30.91
C LEU B 561 -0.37 -65.86 -30.94
N THR B 562 -0.83 -66.32 -29.78
CA THR B 562 -1.69 -67.50 -29.74
C THR B 562 -3.06 -67.20 -30.34
N THR B 563 -3.63 -66.03 -30.02
CA THR B 563 -4.98 -65.73 -30.47
C THR B 563 -5.03 -65.43 -31.97
N PHE B 564 -4.09 -64.62 -32.46
CA PHE B 564 -4.22 -64.10 -33.82
C PHE B 564 -3.48 -64.96 -34.85
N ALA B 565 -2.21 -65.29 -34.59
CA ALA B 565 -1.41 -66.00 -35.58
C ALA B 565 -1.99 -67.38 -35.89
N SER B 566 -2.38 -68.12 -34.86
CA SER B 566 -2.90 -69.47 -35.04
C SER B 566 -4.42 -69.43 -34.94
N CYS B 567 -5.05 -69.05 -36.05
CA CYS B 567 -6.50 -68.98 -36.11
C CYS B 567 -6.95 -68.98 -37.56
N THR B 568 -8.19 -69.43 -37.77
CA THR B 568 -8.84 -69.35 -39.07
C THR B 568 -10.16 -68.59 -39.04
N SER B 569 -10.86 -68.60 -37.91
CA SER B 569 -12.08 -67.83 -37.74
C SER B 569 -12.00 -67.10 -36.41
N LEU B 570 -12.41 -65.83 -36.41
CA LEU B 570 -12.29 -65.00 -35.22
C LEU B 570 -13.66 -64.64 -34.66
N PRO B 571 -14.12 -65.30 -33.61
CA PRO B 571 -15.34 -64.86 -32.94
C PRO B 571 -15.13 -63.49 -32.29
N SER B 572 -16.25 -62.83 -31.99
CA SER B 572 -16.19 -61.49 -31.43
C SER B 572 -15.47 -61.47 -30.10
N SER B 573 -15.76 -62.43 -29.22
CA SER B 573 -15.13 -62.46 -27.90
C SER B 573 -13.62 -62.65 -28.01
N LYS B 574 -13.18 -63.60 -28.85
CA LYS B 574 -11.76 -63.85 -29.01
C LYS B 574 -11.03 -62.64 -29.58
N LEU B 575 -11.63 -62.00 -30.59
CA LEU B 575 -11.04 -60.81 -31.17
C LEU B 575 -10.95 -59.69 -30.14
N PHE B 576 -11.99 -59.52 -29.33
CA PHE B 576 -11.96 -58.50 -28.28
C PHE B 576 -10.85 -58.80 -27.27
N ILE B 577 -10.69 -60.07 -26.91
CA ILE B 577 -9.63 -60.45 -25.98
C ILE B 577 -8.27 -60.09 -26.56
N GLY B 578 -8.07 -60.41 -27.84
CA GLY B 578 -6.82 -60.02 -28.49
C GLY B 578 -6.58 -58.52 -28.50
N LEU B 579 -7.65 -57.75 -28.67
CA LEU B 579 -7.50 -56.30 -28.70
C LEU B 579 -7.14 -55.76 -27.32
N ILE B 580 -7.76 -56.29 -26.26
CA ILE B 580 -7.35 -55.91 -24.91
C ILE B 580 -5.89 -56.30 -24.68
N SER B 581 -5.47 -57.45 -25.21
CA SER B 581 -4.06 -57.83 -25.12
C SER B 581 -3.15 -56.82 -25.81
N VAL B 582 -3.57 -56.31 -26.97
CA VAL B 582 -2.76 -55.32 -27.69
C VAL B 582 -2.63 -54.04 -26.85
N SER B 583 -3.75 -53.57 -26.29
CA SER B 583 -3.70 -52.36 -25.48
C SER B 583 -2.82 -52.55 -24.25
N ASN B 584 -2.91 -53.72 -23.61
CA ASN B 584 -2.06 -54.01 -22.46
C ASN B 584 -0.60 -54.06 -22.86
N LEU B 585 -0.32 -54.56 -24.07
CA LEU B 585 1.05 -54.55 -24.57
C LEU B 585 1.57 -53.13 -24.72
N PHE B 586 0.72 -52.23 -25.21
CA PHE B 586 1.14 -50.83 -25.32
C PHE B 586 1.42 -50.22 -23.95
N MET B 587 0.59 -50.56 -22.95
CA MET B 587 0.80 -50.07 -21.58
C MET B 587 2.11 -50.61 -21.09
N GLY B 588 2.42 -51.87 -21.30
CA GLY B 588 3.69 -52.45 -20.90
C GLY B 588 4.87 -51.79 -21.58
N ILE B 589 4.70 -51.39 -22.84
CA ILE B 589 5.77 -50.67 -23.54
C ILE B 589 6.03 -49.32 -22.86
N TYR B 590 4.96 -48.64 -22.45
CA TYR B 590 5.13 -47.40 -21.68
C TYR B 590 5.90 -47.65 -20.39
N THR B 591 5.55 -48.73 -19.68
CA THR B 591 6.25 -49.05 -18.44
C THR B 591 7.72 -49.34 -18.69
N GLY B 592 8.02 -50.02 -19.81
CA GLY B 592 9.41 -50.26 -20.16
C GLY B 592 10.16 -48.99 -20.48
N ILE B 593 9.48 -48.04 -21.14
CA ILE B 593 10.07 -46.71 -21.34
C ILE B 593 10.47 -46.11 -20.02
N LEU B 594 9.55 -46.15 -19.04
CA LEU B 594 9.84 -45.61 -17.72
C LEU B 594 11.03 -46.32 -17.08
N THR B 595 11.06 -47.64 -17.17
CA THR B 595 12.14 -48.40 -16.53
C THR B 595 13.49 -48.07 -17.13
N PHE B 596 13.58 -48.02 -18.46
CA PHE B 596 14.87 -47.70 -19.08
C PHE B 596 15.28 -46.28 -18.77
N LEU B 597 14.34 -45.33 -18.76
CA LEU B 597 14.70 -43.96 -18.40
C LEU B 597 15.25 -43.88 -16.98
N ASP B 598 14.61 -44.59 -16.05
CA ASP B 598 15.12 -44.60 -14.68
C ASP B 598 16.49 -45.24 -14.60
N ALA B 599 16.68 -46.38 -15.29
CA ALA B 599 17.95 -47.09 -15.20
C ALA B 599 19.09 -46.27 -15.78
N VAL B 600 18.87 -45.62 -16.93
CA VAL B 600 19.94 -44.87 -17.58
C VAL B 600 20.39 -43.72 -16.68
N SER B 601 19.44 -42.96 -16.16
CA SER B 601 19.73 -41.85 -15.26
C SER B 601 19.46 -42.30 -13.83
N TRP B 602 20.43 -43.00 -13.26
CA TRP B 602 20.35 -43.46 -11.88
C TRP B 602 21.19 -42.55 -11.01
N GLY B 603 20.54 -41.82 -10.10
CA GLY B 603 21.22 -40.89 -9.24
C GLY B 603 21.58 -39.57 -9.88
N ARG B 604 21.18 -39.34 -11.14
CA ARG B 604 21.50 -38.11 -11.86
C ARG B 604 20.27 -37.57 -12.57
N PHE B 605 19.07 -37.88 -12.07
CA PHE B 605 17.86 -37.49 -12.77
C PHE B 605 17.66 -35.98 -12.80
N ALA B 606 18.25 -35.24 -11.86
CA ALA B 606 18.13 -33.79 -11.89
C ALA B 606 18.68 -33.21 -13.17
N GLU B 607 19.63 -33.89 -13.80
CA GLU B 607 20.18 -33.48 -15.08
C GLU B 607 19.39 -34.01 -16.27
N PHE B 608 18.29 -34.71 -16.02
CA PHE B 608 17.47 -35.29 -17.08
C PHE B 608 16.05 -34.74 -17.13
N GLY B 609 15.49 -34.33 -15.99
CA GLY B 609 14.08 -33.96 -15.96
C GLY B 609 13.76 -32.78 -16.85
N ILE B 610 14.65 -31.80 -16.92
CA ILE B 610 14.42 -30.65 -17.77
C ILE B 610 14.36 -31.06 -19.23
N TRP B 611 15.27 -31.94 -19.66
CA TRP B 611 15.23 -32.44 -21.02
C TRP B 611 14.05 -33.39 -21.25
N TRP B 612 13.63 -34.10 -20.20
CA TRP B 612 12.59 -35.12 -20.35
C TRP B 612 11.21 -34.48 -20.46
N GLU B 613 10.79 -33.77 -19.44
CA GLU B 613 9.42 -33.22 -19.39
C GLU B 613 9.19 -32.20 -20.50
N THR B 614 10.13 -31.31 -20.77
CA THR B 614 9.99 -30.32 -21.84
C THR B 614 10.62 -30.83 -23.13
N GLY B 615 10.18 -32.02 -23.55
CA GLY B 615 10.69 -32.65 -24.73
C GLY B 615 9.65 -33.56 -25.35
N SER B 616 10.04 -34.21 -26.44
CA SER B 616 9.12 -35.09 -27.16
C SER B 616 8.90 -36.41 -26.43
N GLY B 617 9.90 -36.88 -25.67
CA GLY B 617 9.79 -38.18 -25.02
C GLY B 617 8.64 -38.23 -24.03
N CYS B 618 8.46 -37.17 -23.26
CA CYS B 618 7.36 -37.14 -22.30
C CYS B 618 6.01 -37.13 -23.03
N LYS B 619 5.93 -36.43 -24.15
CA LYS B 619 4.72 -36.47 -24.96
C LYS B 619 4.43 -37.88 -25.44
N VAL B 620 5.46 -38.59 -25.90
CA VAL B 620 5.28 -39.95 -26.37
C VAL B 620 4.78 -40.85 -25.25
N ALA B 621 5.41 -40.75 -24.07
CA ALA B 621 5.03 -41.60 -22.95
C ALA B 621 3.61 -41.31 -22.50
N GLY B 622 3.24 -40.03 -22.42
CA GLY B 622 1.89 -39.69 -22.01
C GLY B 622 0.85 -40.16 -23.00
N PHE B 623 1.12 -39.99 -24.30
CA PHE B 623 0.20 -40.47 -25.31
C PHE B 623 0.05 -41.98 -25.23
N LEU B 624 1.16 -42.70 -25.05
CA LEU B 624 1.09 -44.15 -24.96
C LEU B 624 0.24 -44.58 -23.78
N ALA B 625 0.43 -43.96 -22.64
CA ALA B 625 -0.28 -44.32 -21.41
C ALA B 625 -1.74 -44.06 -21.60
N VAL B 626 -2.10 -42.87 -22.01
CA VAL B 626 -3.51 -42.50 -22.13
C VAL B 626 -4.20 -43.36 -23.18
N PHE B 627 -3.56 -43.53 -24.34
CA PHE B 627 -4.16 -44.32 -25.41
C PHE B 627 -4.39 -45.76 -24.97
N SER B 628 -3.40 -46.37 -24.32
CA SER B 628 -3.56 -47.76 -23.90
C SER B 628 -4.68 -47.90 -22.88
N SER B 629 -4.71 -47.01 -21.89
CA SER B 629 -5.75 -47.11 -20.85
C SER B 629 -7.14 -46.93 -21.45
N GLU B 630 -7.31 -45.90 -22.28
CA GLU B 630 -8.62 -45.65 -22.87
C GLU B 630 -9.04 -46.78 -23.80
N SER B 631 -8.11 -47.29 -24.60
CA SER B 631 -8.43 -48.41 -25.49
C SER B 631 -8.85 -49.63 -24.70
N ALA B 632 -8.14 -49.93 -23.61
CA ALA B 632 -8.50 -51.08 -22.78
C ALA B 632 -9.91 -50.91 -22.20
N ILE B 633 -10.21 -49.72 -21.69
CA ILE B 633 -11.53 -49.51 -21.07
C ILE B 633 -12.63 -49.62 -22.12
N PHE B 634 -12.43 -49.00 -23.29
CA PHE B 634 -13.47 -49.03 -24.32
C PHE B 634 -13.65 -50.44 -24.87
N LEU B 635 -12.57 -51.19 -25.05
CA LEU B 635 -12.69 -52.57 -25.51
C LEU B 635 -13.34 -53.40 -24.41
N LEU B 636 -13.10 -53.05 -23.15
CA LEU B 636 -13.74 -53.78 -22.02
C LEU B 636 -15.25 -53.52 -22.11
N MET B 637 -15.71 -52.29 -22.40
CA MET B 637 -17.13 -52.01 -22.59
C MET B 637 -17.74 -52.74 -23.79
N LEU B 638 -17.01 -52.76 -24.91
CA LEU B 638 -17.48 -53.46 -26.09
C LEU B 638 -17.64 -54.96 -25.82
N ALA B 639 -16.68 -55.54 -25.08
CA ALA B 639 -16.78 -56.95 -24.74
C ALA B 639 -17.99 -57.23 -23.86
N THR B 640 -18.31 -56.30 -22.96
CA THR B 640 -19.46 -56.42 -22.05
C THR B 640 -20.74 -56.34 -22.86
N VAL B 641 -20.80 -55.48 -23.89
CA VAL B 641 -21.98 -55.38 -24.77
C VAL B 641 -22.20 -56.63 -25.60
N GLU B 642 -21.12 -57.17 -26.18
CA GLU B 642 -21.23 -58.39 -26.98
C GLU B 642 -21.62 -59.60 -26.13
N ARG B 643 -21.12 -59.65 -24.90
CA ARG B 643 -21.47 -60.75 -24.01
C ARG B 643 -22.97 -60.66 -23.71
N SER B 644 -23.46 -59.44 -23.47
CA SER B 644 -24.90 -59.27 -23.25
C SER B 644 -25.70 -59.70 -24.48
N LEU B 645 -25.25 -59.29 -25.67
CA LEU B 645 -25.96 -59.67 -26.89
C LEU B 645 -25.94 -61.18 -27.09
N SER B 646 -24.79 -61.82 -26.83
CA SER B 646 -24.70 -63.26 -26.98
C SER B 646 -25.58 -63.98 -25.96
N ALA B 647 -25.70 -63.44 -24.76
CA ALA B 647 -26.60 -64.02 -23.76
C ALA B 647 -28.06 -63.76 -24.09
N LYS B 648 -28.34 -62.76 -24.92
CA LYS B 648 -29.73 -62.48 -25.30
C LYS B 648 -30.34 -63.66 -26.06
N ASP B 649 -29.59 -64.25 -26.98
CA ASP B 649 -30.08 -65.39 -27.74
C ASP B 649 -29.59 -66.71 -27.14
N ASN B 657 -22.89 -61.12 -40.70
CA ASN B 657 -23.43 -61.12 -39.34
C ASN B 657 -22.96 -59.88 -38.58
N HIS B 658 -23.22 -59.86 -37.28
CA HIS B 658 -22.85 -58.71 -36.46
C HIS B 658 -21.36 -58.67 -36.12
N LEU B 659 -20.59 -59.68 -36.53
CA LEU B 659 -19.14 -59.65 -36.27
C LEU B 659 -18.48 -58.49 -37.00
N LYS B 660 -18.93 -58.19 -38.22
CA LYS B 660 -18.41 -57.02 -38.93
C LYS B 660 -18.78 -55.74 -38.19
N GLN B 661 -19.99 -55.67 -37.66
CA GLN B 661 -20.40 -54.52 -36.88
C GLN B 661 -19.51 -54.34 -35.66
N PHE B 662 -19.19 -55.44 -34.98
CA PHE B 662 -18.33 -55.35 -33.79
C PHE B 662 -16.90 -55.00 -34.17
N ARG B 663 -16.42 -55.46 -35.32
CA ARG B 663 -15.11 -55.01 -35.79
C ARG B 663 -15.09 -53.51 -36.03
N VAL B 664 -16.16 -52.99 -36.64
CA VAL B 664 -16.28 -51.55 -36.86
C VAL B 664 -16.30 -50.82 -35.52
N ALA B 665 -17.05 -51.36 -34.55
CA ALA B 665 -17.10 -50.75 -33.22
C ALA B 665 -15.73 -50.75 -32.56
N ALA B 666 -14.97 -51.83 -32.72
CA ALA B 666 -13.63 -51.89 -32.15
C ALA B 666 -12.72 -50.84 -32.79
N LEU B 667 -12.81 -50.69 -34.11
CA LEU B 667 -12.03 -49.64 -34.78
C LEU B 667 -12.43 -48.26 -34.26
N LEU B 668 -13.73 -48.05 -34.04
CA LEU B 668 -14.19 -46.77 -33.50
C LEU B 668 -13.64 -46.53 -32.10
N ALA B 669 -13.61 -47.58 -31.27
CA ALA B 669 -13.06 -47.45 -29.93
C ALA B 669 -11.58 -47.13 -29.96
N PHE B 670 -10.84 -47.77 -30.88
CA PHE B 670 -9.42 -47.45 -31.03
C PHE B 670 -9.23 -46.01 -31.46
N LEU B 671 -10.06 -45.53 -32.40
CA LEU B 671 -9.96 -44.14 -32.83
C LEU B 671 -10.30 -43.18 -31.70
N GLY B 672 -11.29 -43.52 -30.88
CA GLY B 672 -11.60 -42.69 -29.73
C GLY B 672 -10.47 -42.62 -28.72
N ALA B 673 -9.84 -43.77 -28.46
CA ALA B 673 -8.67 -43.76 -27.58
C ALA B 673 -7.54 -42.92 -28.16
N THR B 674 -7.33 -43.03 -29.47
CA THR B 674 -6.27 -42.25 -30.11
C THR B 674 -6.55 -40.76 -30.00
N VAL B 675 -7.79 -40.34 -30.24
CA VAL B 675 -8.10 -38.92 -30.17
C VAL B 675 -8.02 -38.42 -28.73
N ALA B 676 -8.43 -39.24 -27.76
CA ALA B 676 -8.29 -38.84 -26.36
C ALA B 676 -6.83 -38.69 -25.98
N GLY B 677 -5.97 -39.58 -26.48
CA GLY B 677 -4.54 -39.44 -26.21
C GLY B 677 -3.92 -38.23 -26.88
N CYS B 678 -4.35 -37.93 -28.10
CA CYS B 678 -3.77 -36.82 -28.85
C CYS B 678 -4.24 -35.47 -28.34
N PHE B 679 -5.43 -35.42 -27.73
CA PHE B 679 -6.02 -34.18 -27.25
C PHE B 679 -5.11 -33.36 -26.33
N PRO B 680 -4.43 -33.93 -25.34
CA PRO B 680 -3.57 -33.10 -24.47
C PRO B 680 -2.38 -32.50 -25.19
N LEU B 681 -2.04 -32.97 -26.41
CA LEU B 681 -0.91 -32.39 -27.12
C LEU B 681 -1.02 -30.91 -27.45
N PHE B 682 -2.17 -30.48 -27.98
CA PHE B 682 -2.36 -29.06 -28.25
C PHE B 682 -2.67 -28.23 -26.99
N HIS B 683 -3.34 -28.84 -26.03
CA HIS B 683 -3.55 -28.16 -24.75
C HIS B 683 -2.17 -28.10 -24.11
N ARG B 684 -1.99 -27.12 -23.25
CA ARG B 684 -0.68 -26.83 -22.66
C ARG B 684 -0.72 -27.11 -21.17
N GLY B 685 0.27 -27.86 -20.68
CA GLY B 685 0.49 -28.01 -19.26
C GLY B 685 -0.02 -29.28 -18.62
N GLU B 686 -0.10 -30.39 -19.34
CA GLU B 686 -0.48 -31.66 -18.74
C GLU B 686 0.60 -32.71 -18.84
N TYR B 687 1.10 -32.99 -20.04
CA TYR B 687 2.12 -34.02 -20.19
C TYR B 687 3.45 -33.65 -19.57
N SER B 688 3.69 -32.36 -19.34
CA SER B 688 4.94 -31.90 -18.75
C SER B 688 4.86 -31.71 -17.25
N ALA B 689 3.73 -32.07 -16.63
CA ALA B 689 3.58 -31.86 -15.19
C ALA B 689 4.53 -32.75 -14.39
N SER B 690 4.70 -34.00 -14.80
CA SER B 690 5.47 -34.97 -14.05
C SER B 690 6.42 -35.72 -14.96
N PRO B 691 7.56 -36.18 -14.44
CA PRO B 691 8.44 -37.03 -15.25
C PRO B 691 7.82 -38.34 -15.66
N LEU B 692 6.75 -38.75 -14.96
CA LEU B 692 6.00 -39.97 -15.36
C LEU B 692 5.17 -39.64 -16.61
N CYS B 693 5.08 -38.38 -17.03
CA CYS B 693 4.33 -37.97 -18.22
C CYS B 693 2.85 -38.33 -18.10
N LEU B 694 2.34 -38.31 -16.91
CA LEU B 694 0.94 -38.66 -16.75
C LEU B 694 0.11 -37.41 -16.47
N PRO B 695 -1.15 -37.40 -16.87
CA PRO B 695 -1.99 -36.22 -16.64
C PRO B 695 -2.58 -36.18 -15.24
N PHE B 696 -2.03 -36.97 -14.31
CA PHE B 696 -2.50 -37.04 -12.94
C PHE B 696 -1.33 -36.73 -12.01
N PRO B 697 -0.93 -35.46 -11.91
CA PRO B 697 0.22 -35.11 -11.07
C PRO B 697 -0.17 -34.80 -9.64
N THR B 698 0.81 -34.45 -8.82
CA THR B 698 0.54 -34.02 -7.46
C THR B 698 -0.06 -32.62 -7.44
N GLY B 699 -0.78 -32.32 -6.37
CA GLY B 699 -1.39 -31.00 -6.24
C GLY B 699 -2.51 -30.80 -7.24
N GLU B 700 -2.88 -29.53 -7.41
CA GLU B 700 -3.91 -29.18 -8.38
C GLU B 700 -3.43 -29.46 -9.79
N THR B 701 -4.26 -30.13 -10.57
CA THR B 701 -3.92 -30.43 -11.95
C THR B 701 -4.04 -29.16 -12.80
N PRO B 702 -3.00 -28.78 -13.54
CA PRO B 702 -3.09 -27.55 -14.34
C PRO B 702 -4.24 -27.57 -15.35
N SER B 703 -4.50 -28.71 -15.96
CA SER B 703 -5.64 -28.88 -16.87
C SER B 703 -6.70 -29.69 -16.13
N LEU B 704 -7.52 -28.99 -15.33
CA LEU B 704 -8.55 -29.67 -14.56
C LEU B 704 -9.57 -30.35 -15.46
N GLY B 705 -9.97 -29.68 -16.55
CA GLY B 705 -11.03 -30.22 -17.38
C GLY B 705 -10.69 -31.55 -17.99
N PHE B 706 -9.47 -31.69 -18.52
CA PHE B 706 -9.07 -32.94 -19.17
C PHE B 706 -9.10 -34.09 -18.17
N THR B 707 -8.51 -33.89 -16.98
CA THR B 707 -8.46 -34.96 -15.99
C THR B 707 -9.86 -35.33 -15.51
N VAL B 708 -10.69 -34.33 -15.21
CA VAL B 708 -12.02 -34.63 -14.69
C VAL B 708 -12.86 -35.33 -15.76
N THR B 709 -12.72 -34.93 -17.02
CA THR B 709 -13.43 -35.62 -18.09
C THR B 709 -12.97 -37.07 -18.20
N LEU B 710 -11.66 -37.29 -18.24
CA LEU B 710 -11.15 -38.65 -18.41
C LEU B 710 -11.64 -39.56 -17.30
N VAL B 711 -11.51 -39.11 -16.05
CA VAL B 711 -11.97 -39.94 -14.93
C VAL B 711 -13.49 -40.09 -14.99
N LEU B 712 -14.20 -39.06 -15.43
CA LEU B 712 -15.66 -39.11 -15.46
C LEU B 712 -16.14 -40.21 -16.40
N LEU B 713 -15.61 -40.21 -17.62
CA LEU B 713 -16.02 -41.16 -18.68
C LEU B 713 -15.45 -42.55 -18.40
N ASN B 714 -14.35 -42.66 -17.65
CA ASN B 714 -13.83 -43.97 -17.24
C ASN B 714 -14.76 -44.60 -16.21
N SER B 715 -15.07 -43.88 -15.13
CA SER B 715 -16.01 -44.39 -14.15
C SER B 715 -17.39 -44.63 -14.77
N LEU B 716 -17.76 -43.80 -15.76
CA LEU B 716 -19.01 -44.01 -16.48
C LEU B 716 -19.04 -45.39 -17.13
N ALA B 717 -18.11 -45.64 -18.06
CA ALA B 717 -18.07 -46.94 -18.73
C ALA B 717 -18.00 -48.07 -17.72
N PHE B 718 -17.28 -47.87 -16.61
CA PHE B 718 -17.26 -48.87 -15.55
C PHE B 718 -18.66 -49.15 -15.03
N LEU B 719 -19.45 -48.10 -14.79
CA LEU B 719 -20.77 -48.32 -14.20
C LEU B 719 -21.73 -48.93 -15.21
N LEU B 720 -21.64 -48.55 -16.49
CA LEU B 720 -22.46 -49.23 -17.49
C LEU B 720 -22.13 -50.71 -17.61
N MET B 721 -20.84 -51.08 -17.65
CA MET B 721 -20.62 -52.52 -17.77
C MET B 721 -20.99 -53.26 -16.47
N ALA B 722 -20.83 -52.62 -15.31
CA ALA B 722 -21.33 -53.24 -14.08
C ALA B 722 -22.84 -53.46 -14.13
N VAL B 723 -23.58 -52.46 -14.59
CA VAL B 723 -25.04 -52.59 -14.69
C VAL B 723 -25.41 -53.68 -15.68
N ILE B 724 -24.70 -53.73 -16.81
CA ILE B 724 -25.00 -54.74 -17.83
C ILE B 724 -24.81 -56.14 -17.26
N TYR B 725 -23.65 -56.39 -16.63
CA TYR B 725 -23.42 -57.72 -16.08
C TYR B 725 -24.36 -58.04 -14.94
N THR B 726 -24.80 -57.03 -14.19
CA THR B 726 -25.87 -57.24 -13.22
C THR B 726 -27.14 -57.70 -13.92
N LYS B 727 -27.44 -57.12 -15.09
CA LYS B 727 -28.62 -57.52 -15.84
C LYS B 727 -28.63 -58.98 -16.30
N LEU B 728 -27.52 -59.47 -16.86
CA LEU B 728 -27.50 -60.89 -17.21
C LEU B 728 -27.43 -61.80 -15.98
N TYR B 729 -26.85 -61.31 -14.88
CA TYR B 729 -26.82 -62.10 -13.65
C TYR B 729 -28.28 -62.28 -13.23
N CYS B 730 -29.08 -61.21 -13.32
CA CYS B 730 -30.50 -61.32 -13.03
C CYS B 730 -31.20 -62.22 -14.04
N ASN B 731 -30.82 -62.13 -15.32
CA ASN B 731 -31.50 -62.89 -16.36
C ASN B 731 -31.31 -64.39 -16.17
N LEU B 732 -30.10 -64.82 -15.83
CA LEU B 732 -29.83 -66.25 -15.68
C LEU B 732 -30.45 -66.78 -14.38
N SER B 741 -18.29 -73.77 -23.26
CA SER B 741 -19.42 -73.38 -24.10
C SER B 741 -19.60 -71.86 -24.07
N GLN B 742 -20.70 -71.39 -24.68
CA GLN B 742 -21.00 -69.97 -24.68
C GLN B 742 -21.26 -69.47 -23.26
N SER B 743 -21.88 -70.31 -22.42
CA SER B 743 -22.11 -69.93 -21.04
C SER B 743 -20.81 -69.66 -20.31
N SER B 744 -19.79 -70.49 -20.56
CA SER B 744 -18.48 -70.25 -19.97
C SER B 744 -17.79 -69.06 -20.64
N MET B 745 -16.66 -68.67 -20.06
CA MET B 745 -15.79 -67.60 -20.56
C MET B 745 -16.43 -66.24 -20.32
N ILE B 746 -17.69 -66.23 -19.90
CA ILE B 746 -18.31 -65.00 -19.43
C ILE B 746 -17.69 -64.56 -18.11
N LYS B 747 -17.40 -65.54 -17.24
CA LYS B 747 -16.71 -65.24 -15.99
C LYS B 747 -15.34 -64.63 -16.24
N HIS B 748 -14.71 -64.96 -17.37
CA HIS B 748 -13.43 -64.32 -17.70
C HIS B 748 -13.57 -62.82 -17.87
N VAL B 749 -14.61 -62.45 -18.63
CA VAL B 749 -14.87 -61.01 -18.86
C VAL B 749 -15.26 -60.41 -17.52
N ALA B 750 -16.00 -61.09 -16.66
CA ALA B 750 -16.39 -60.58 -15.35
C ALA B 750 -15.14 -60.29 -14.51
N TRP B 751 -14.19 -61.23 -14.50
CA TRP B 751 -12.95 -61.02 -13.77
C TRP B 751 -12.14 -59.88 -14.35
N LEU B 752 -12.17 -59.74 -15.69
CA LEU B 752 -11.48 -58.61 -16.32
C LEU B 752 -12.02 -57.29 -15.81
N ILE B 753 -13.36 -57.17 -15.80
CA ILE B 753 -14.06 -55.93 -15.34
C ILE B 753 -13.76 -55.72 -13.85
N PHE B 754 -13.69 -56.79 -13.06
CA PHE B 754 -13.37 -56.73 -11.64
C PHE B 754 -11.99 -56.13 -11.42
N THR B 755 -10.98 -56.76 -12.02
CA THR B 755 -9.60 -56.32 -11.82
C THR B 755 -9.39 -54.90 -12.34
N ASN B 756 -9.89 -54.60 -13.55
CA ASN B 756 -9.66 -53.29 -14.13
C ASN B 756 -10.30 -52.18 -13.30
N CYS B 757 -11.53 -52.40 -12.82
CA CYS B 757 -12.19 -51.37 -12.04
C CYS B 757 -11.51 -51.17 -10.69
N ILE B 758 -11.18 -52.27 -10.01
CA ILE B 758 -10.57 -52.16 -8.64
C ILE B 758 -9.17 -51.57 -8.78
N PHE B 759 -8.51 -51.70 -9.94
CA PHE B 759 -7.22 -51.05 -10.13
C PHE B 759 -7.36 -49.61 -10.60
N PHE B 760 -8.49 -49.26 -11.22
CA PHE B 760 -8.70 -47.86 -11.60
C PHE B 760 -9.08 -47.00 -10.40
N CYS B 761 -9.79 -47.56 -9.41
CA CYS B 761 -10.23 -46.74 -8.28
C CYS B 761 -9.09 -45.98 -7.60
N PRO B 762 -7.96 -46.59 -7.24
CA PRO B 762 -6.92 -45.82 -6.53
C PRO B 762 -6.39 -44.62 -7.33
N VAL B 763 -6.22 -44.78 -8.65
CA VAL B 763 -5.69 -43.68 -9.45
C VAL B 763 -6.66 -42.52 -9.46
N ALA B 764 -7.95 -42.80 -9.68
CA ALA B 764 -8.96 -41.74 -9.66
C ALA B 764 -9.04 -41.09 -8.28
N PHE B 765 -9.01 -41.90 -7.23
CA PHE B 765 -9.11 -41.37 -5.87
C PHE B 765 -7.96 -40.43 -5.56
N PHE B 766 -6.73 -40.82 -5.91
CA PHE B 766 -5.59 -39.98 -5.59
C PHE B 766 -5.38 -38.86 -6.60
N SER B 767 -6.04 -38.89 -7.75
CA SER B 767 -6.10 -37.70 -8.58
C SER B 767 -7.09 -36.70 -8.03
N PHE B 768 -8.20 -37.18 -7.47
CA PHE B 768 -9.20 -36.28 -6.87
C PHE B 768 -8.76 -35.74 -5.52
N ALA B 769 -7.92 -36.48 -4.79
CA ALA B 769 -7.56 -36.09 -3.43
C ALA B 769 -6.92 -34.71 -3.33
N PRO B 770 -5.92 -34.34 -4.14
CA PRO B 770 -5.31 -33.01 -3.98
C PRO B 770 -6.29 -31.87 -4.21
N LEU B 771 -7.37 -32.09 -4.96
CA LEU B 771 -8.37 -31.05 -5.13
C LEU B 771 -9.04 -30.71 -3.82
N ILE B 772 -9.33 -31.71 -3.00
CA ILE B 772 -9.95 -31.52 -1.69
C ILE B 772 -8.85 -31.23 -0.68
N THR B 773 -8.91 -30.06 -0.05
CA THR B 773 -7.89 -29.68 0.92
C THR B 773 -8.02 -30.44 2.23
N ALA B 774 -9.17 -31.07 2.48
CA ALA B 774 -9.35 -31.81 3.73
C ALA B 774 -8.41 -32.99 3.84
N ILE B 775 -8.22 -33.71 2.73
CA ILE B 775 -7.38 -34.91 2.72
C ILE B 775 -5.96 -34.52 2.33
N SER B 776 -5.00 -34.92 3.14
CA SER B 776 -3.58 -34.68 2.87
C SER B 776 -2.89 -36.02 2.63
N ILE B 777 -2.23 -36.14 1.48
CA ILE B 777 -1.56 -37.37 1.07
C ILE B 777 -0.11 -37.04 0.73
N SER B 778 0.81 -37.84 1.25
CA SER B 778 2.22 -37.63 0.94
C SER B 778 2.47 -37.86 -0.54
N PRO B 779 3.11 -36.93 -1.24
CA PRO B 779 3.30 -37.10 -2.69
C PRO B 779 4.10 -38.33 -3.07
N GLU B 780 5.07 -38.74 -2.24
CA GLU B 780 5.87 -39.92 -2.57
C GLU B 780 5.00 -41.18 -2.60
N ILE B 781 4.11 -41.33 -1.62
CA ILE B 781 3.23 -42.48 -1.61
C ILE B 781 2.27 -42.43 -2.79
N MET B 782 1.78 -41.25 -3.13
CA MET B 782 0.90 -41.10 -4.28
C MET B 782 1.59 -41.53 -5.57
N LYS B 783 2.83 -41.07 -5.76
CA LYS B 783 3.58 -41.46 -6.95
C LYS B 783 3.85 -42.96 -6.98
N SER B 784 4.22 -43.54 -5.83
CA SER B 784 4.49 -44.97 -5.78
C SER B 784 3.25 -45.78 -6.13
N VAL B 785 2.10 -45.41 -5.55
CA VAL B 785 0.88 -46.17 -5.80
C VAL B 785 0.41 -45.97 -7.24
N THR B 786 0.60 -44.78 -7.80
CA THR B 786 0.27 -44.56 -9.21
C THR B 786 1.11 -45.44 -10.10
N LEU B 787 2.42 -45.51 -9.81
CA LEU B 787 3.36 -46.34 -10.60
C LEU B 787 2.97 -47.83 -10.41
N ILE B 788 2.44 -48.21 -9.24
CA ILE B 788 2.10 -49.60 -8.98
C ILE B 788 0.85 -50.01 -9.76
N PHE B 789 -0.20 -49.19 -9.69
CA PHE B 789 -1.51 -49.62 -10.16
C PHE B 789 -1.91 -49.11 -11.54
N PHE B 790 -1.24 -48.11 -12.09
CA PHE B 790 -1.59 -47.68 -13.46
C PHE B 790 -1.34 -48.83 -14.37
N PRO B 791 -0.15 -49.44 -14.48
CA PRO B 791 0.09 -50.50 -15.47
C PRO B 791 -0.31 -51.89 -15.01
N LEU B 792 -0.76 -52.05 -13.78
CA LEU B 792 -1.07 -53.38 -13.26
C LEU B 792 -2.12 -54.16 -14.07
N PRO B 793 -3.22 -53.55 -14.54
CA PRO B 793 -4.17 -54.34 -15.35
C PRO B 793 -3.53 -54.95 -16.58
N ALA B 794 -2.59 -54.25 -17.20
CA ALA B 794 -1.87 -54.82 -18.33
C ALA B 794 -1.06 -56.03 -17.92
N CYS B 795 -0.51 -56.00 -16.70
CA CYS B 795 0.21 -57.16 -16.18
C CYS B 795 -0.74 -58.32 -15.87
N LEU B 796 -1.96 -58.02 -15.45
CA LEU B 796 -2.85 -59.04 -14.89
C LEU B 796 -3.73 -59.72 -15.91
N ASN B 797 -4.33 -58.98 -16.85
CA ASN B 797 -5.29 -59.57 -17.78
C ASN B 797 -4.85 -60.80 -18.56
N PRO B 798 -3.68 -60.75 -19.23
CA PRO B 798 -3.27 -61.94 -19.92
C PRO B 798 -2.88 -63.09 -19.01
N VAL B 799 -2.60 -62.84 -17.73
CA VAL B 799 -2.31 -63.89 -16.75
C VAL B 799 -3.61 -64.65 -16.59
N LEU B 800 -4.71 -63.93 -16.39
CA LEU B 800 -6.01 -64.57 -16.25
C LEU B 800 -6.41 -65.30 -17.52
N TYR B 801 -6.15 -64.69 -18.68
CA TYR B 801 -6.51 -65.37 -19.92
C TYR B 801 -5.62 -66.60 -20.16
N VAL B 802 -4.38 -66.57 -19.68
CA VAL B 802 -3.43 -67.63 -19.97
C VAL B 802 -3.50 -68.79 -18.98
N PHE B 803 -4.07 -68.58 -17.80
CA PHE B 803 -4.10 -69.63 -16.79
C PHE B 803 -5.50 -70.14 -16.47
N PHE B 804 -6.53 -69.30 -16.57
CA PHE B 804 -7.87 -69.66 -16.12
C PHE B 804 -8.86 -69.79 -17.28
N ASN B 805 -8.37 -69.97 -18.51
CA ASN B 805 -9.24 -70.08 -19.68
C ASN B 805 -8.84 -71.27 -20.53
N PRO B 806 -9.67 -72.31 -20.61
CA PRO B 806 -9.35 -73.45 -21.50
C PRO B 806 -9.36 -72.96 -22.93
N LYS B 807 -10.01 -71.82 -23.21
CA LYS B 807 -9.96 -71.27 -24.56
C LYS B 807 -8.53 -71.11 -25.06
N PHE B 808 -7.69 -70.48 -24.23
CA PHE B 808 -6.27 -70.45 -24.54
C PHE B 808 -5.52 -71.76 -24.68
N LYS B 809 -5.88 -72.78 -23.90
CA LYS B 809 -5.21 -74.08 -24.04
C LYS B 809 -5.49 -74.70 -25.40
N GLU B 810 -6.74 -74.59 -25.88
CA GLU B 810 -7.06 -75.09 -27.21
C GLU B 810 -6.27 -74.30 -28.25
N ASP B 811 -6.20 -72.99 -28.09
CA ASP B 811 -5.46 -72.16 -29.03
C ASP B 811 -3.97 -72.51 -29.02
N TRP B 812 -3.42 -72.76 -27.84
CA TRP B 812 -2.01 -73.14 -27.73
C TRP B 812 -1.76 -74.51 -28.36
N LYS B 813 -2.68 -75.44 -28.18
CA LYS B 813 -2.56 -76.74 -28.84
C LYS B 813 -2.58 -76.57 -30.36
N LEU B 814 -3.49 -75.73 -30.86
CA LEU B 814 -3.53 -75.47 -32.30
C LEU B 814 -2.25 -74.81 -32.80
N LEU B 815 -1.71 -73.88 -32.03
CA LEU B 815 -0.46 -73.21 -32.40
C LEU B 815 0.69 -74.21 -32.45
N LYS B 816 0.76 -75.09 -31.46
CA LYS B 816 1.81 -76.11 -31.46
C LYS B 816 1.67 -77.06 -32.66
N ARG B 817 0.44 -77.43 -32.99
CA ARG B 817 0.22 -78.27 -34.17
C ARG B 817 0.66 -77.57 -35.44
N ARG B 818 0.36 -76.28 -35.56
CA ARG B 818 0.78 -75.52 -36.73
C ARG B 818 2.30 -75.42 -36.78
N VAL B 819 2.93 -75.22 -35.63
CA VAL B 819 4.39 -75.10 -35.58
C VAL B 819 5.05 -76.41 -35.99
N THR B 820 4.52 -77.54 -35.50
CA THR B 820 5.11 -78.84 -35.83
C THR B 820 5.07 -79.12 -37.33
N LYS B 821 4.09 -78.58 -38.03
CA LYS B 821 3.98 -78.77 -39.48
C LYS B 821 5.12 -78.04 -40.21
N ILE C 39 -4.00 7.06 33.69
CA ILE C 39 -4.27 5.92 32.81
C ILE C 39 -4.67 6.42 31.43
N CYS C 40 -5.95 6.28 31.10
CA CYS C 40 -6.49 6.71 29.82
C CYS C 40 -7.24 8.02 30.00
N LYS C 41 -6.90 9.03 29.21
CA LYS C 41 -7.46 10.37 29.34
C LYS C 41 -7.70 10.92 27.94
N GLY C 42 -8.98 11.06 27.57
CA GLY C 42 -9.32 11.65 26.28
C GLY C 42 -8.89 10.83 25.08
N CYS C 43 -9.16 9.53 25.10
CA CYS C 43 -8.90 8.66 23.96
C CYS C 43 -10.14 7.83 23.67
N LEU C 44 -10.40 7.60 22.38
CA LEU C 44 -11.56 6.81 21.99
C LEU C 44 -11.44 5.37 22.47
N SER C 45 -10.25 4.77 22.33
CA SER C 45 -9.99 3.41 22.76
C SER C 45 -8.93 3.42 23.85
N CYS C 46 -9.18 2.66 24.91
CA CYS C 46 -8.29 2.60 26.07
C CYS C 46 -7.85 1.15 26.25
N SER C 47 -6.63 0.83 25.83
CA SER C 47 -6.05 -0.48 26.00
C SER C 47 -4.82 -0.40 26.90
N LYS C 48 -4.59 -1.48 27.66
CA LYS C 48 -3.48 -1.47 28.60
C LYS C 48 -2.14 -1.45 27.86
N ASP C 49 -2.02 -2.27 26.81
CA ASP C 49 -0.73 -2.41 26.12
C ASP C 49 -0.33 -1.11 25.41
N ASN C 50 -1.25 -0.52 24.66
CA ASN C 50 -0.95 0.66 23.87
C ASN C 50 -1.44 1.95 24.51
N GLY C 51 -1.90 1.90 25.76
CA GLY C 51 -2.38 3.10 26.41
C GLY C 51 -3.57 3.68 25.67
N CYS C 52 -3.59 5.00 25.54
CA CYS C 52 -4.61 5.65 24.73
C CYS C 52 -4.34 5.41 23.25
N SER C 53 -5.41 5.14 22.51
CA SER C 53 -5.31 4.93 21.08
C SER C 53 -6.51 5.57 20.41
N ARG C 54 -6.34 5.91 19.12
CA ARG C 54 -7.36 6.62 18.34
C ARG C 54 -7.72 7.93 19.03
N CYS C 55 -6.74 8.83 19.08
CA CYS C 55 -6.94 10.16 19.67
C CYS C 55 -8.09 10.87 18.97
N GLN C 56 -8.98 11.46 19.76
CA GLN C 56 -10.25 11.96 19.26
C GLN C 56 -10.18 13.46 18.98
N GLN C 57 -11.00 13.86 18.00
CA GLN C 57 -11.16 15.29 17.67
C GLN C 57 -9.93 16.20 17.64
N LYS C 58 -9.82 17.28 18.45
CA LYS C 58 -8.73 18.30 18.36
C LYS C 58 -7.44 17.81 19.01
N LEU C 59 -7.51 16.78 19.85
CA LEU C 59 -6.34 16.21 20.48
C LEU C 59 -5.16 15.68 19.65
N PHE C 60 -3.95 15.66 20.25
CA PHE C 60 -2.72 15.20 19.53
C PHE C 60 -2.20 13.90 20.15
N PHE C 61 -2.10 12.86 19.35
CA PHE C 61 -1.63 11.53 19.75
C PHE C 61 -0.11 11.53 19.88
N PHE C 62 0.39 11.13 21.04
CA PHE C 62 1.82 11.11 21.31
C PHE C 62 2.22 9.72 21.79
N LEU C 63 3.29 9.17 21.21
CA LEU C 63 3.77 7.85 21.53
C LEU C 63 5.00 7.95 22.43
N ARG C 64 4.89 7.45 23.66
CA ARG C 64 6.02 7.39 24.56
C ARG C 64 6.53 6.12 25.20
N ARG C 65 7.86 6.01 25.34
CA ARG C 65 8.52 4.78 25.69
C ARG C 65 9.16 4.70 27.05
N GLU C 66 8.86 3.64 27.79
CA GLU C 66 9.55 3.27 29.02
C GLU C 66 10.25 1.94 28.77
N GLY C 67 11.57 1.99 28.61
CA GLY C 67 12.31 0.78 28.29
C GLY C 67 11.80 0.15 27.01
N MET C 68 11.61 -1.17 27.04
CA MET C 68 10.98 -1.85 25.92
C MET C 68 9.53 -1.50 25.63
N ARG C 69 8.69 -1.50 26.66
CA ARG C 69 7.27 -1.23 26.43
C ARG C 69 7.05 0.23 26.11
N GLN C 70 5.90 0.57 25.55
CA GLN C 70 5.58 1.95 25.21
C GLN C 70 4.07 2.05 25.20
N TYR C 71 3.57 3.29 25.23
CA TYR C 71 2.11 3.55 25.29
C TYR C 71 1.88 5.02 24.93
N GLY C 72 0.70 5.40 24.42
CA GLY C 72 0.37 6.71 23.92
C GLY C 72 -0.56 7.52 24.80
N GLU C 73 -0.47 8.84 24.66
CA GLU C 73 -1.30 9.79 25.39
C GLU C 73 -1.92 10.76 24.40
N CYS C 74 -2.94 11.47 24.87
CA CYS C 74 -3.66 12.46 24.08
C CYS C 74 -3.46 13.83 24.74
N LEU C 75 -2.57 14.64 24.16
CA LEU C 75 -2.25 15.96 24.67
C LEU C 75 -2.42 16.99 23.56
N HIS C 76 -2.75 18.23 23.96
CA HIS C 76 -2.80 19.32 22.98
C HIS C 76 -1.40 19.87 22.71
N SER C 77 -0.76 20.40 23.75
CA SER C 77 0.58 20.97 23.60
C SER C 77 1.58 19.86 23.39
N CYS C 78 2.13 19.77 22.18
CA CYS C 78 3.16 18.78 21.90
C CYS C 78 4.37 19.05 22.78
N PRO C 79 4.96 18.01 23.38
CA PRO C 79 6.03 18.24 24.37
C PRO C 79 7.28 18.86 23.80
N SER C 80 8.24 19.19 24.67
CA SER C 80 9.49 19.77 24.22
C SER C 80 10.26 18.79 23.34
N GLY C 81 10.92 19.32 22.31
CA GLY C 81 11.63 18.46 21.34
C GLY C 81 10.60 17.76 20.48
N TYR C 82 9.39 18.33 20.37
CA TYR C 82 8.30 17.66 19.62
C TYR C 82 7.35 18.72 19.06
N TYR C 83 6.92 18.57 17.80
CA TYR C 83 5.98 19.53 17.13
C TYR C 83 4.76 18.77 16.65
N GLY C 84 3.57 19.33 16.77
CA GLY C 84 2.32 18.68 16.44
C GLY C 84 1.90 18.95 15.01
N HIS C 85 1.53 17.88 14.30
CA HIS C 85 1.02 17.96 12.94
C HIS C 85 -0.46 17.59 12.97
N ARG C 86 -1.28 18.40 12.30
CA ARG C 86 -2.72 18.23 12.31
C ARG C 86 -3.17 17.61 10.99
N ALA C 87 -3.99 16.57 11.08
CA ALA C 87 -4.53 15.85 9.94
C ALA C 87 -5.99 15.51 10.21
N PRO C 88 -6.80 15.33 9.18
CA PRO C 88 -8.22 15.00 9.42
C PRO C 88 -8.34 13.66 10.10
N ASP C 89 -7.44 12.73 9.76
CA ASP C 89 -7.44 11.38 10.40
C ASP C 89 -7.11 11.53 11.87
N MET C 90 -5.85 11.72 12.21
CA MET C 90 -5.38 11.85 13.57
C MET C 90 -4.20 12.82 13.65
N ASN C 91 -4.19 13.64 14.70
CA ASN C 91 -3.16 14.64 14.88
C ASN C 91 -1.99 13.98 15.58
N ARG C 92 -0.81 14.06 14.97
CA ARG C 92 0.38 13.37 15.44
C ARG C 92 1.37 14.33 16.08
N CYS C 93 2.36 13.75 16.75
CA CYS C 93 3.46 14.51 17.34
C CYS C 93 4.76 13.88 16.88
N ALA C 94 5.68 14.70 16.37
CA ALA C 94 6.92 14.20 15.80
C ALA C 94 8.19 14.91 16.23
N ARG C 95 9.31 14.21 16.11
CA ARG C 95 10.60 14.81 16.48
C ARG C 95 10.97 16.10 15.77
N CYS C 96 11.49 17.06 16.51
CA CYS C 96 11.92 18.32 15.93
C CYS C 96 13.19 17.80 15.29
N ARG C 97 13.20 17.68 13.96
CA ARG C 97 14.43 17.27 13.28
C ARG C 97 15.53 18.37 13.17
N ILE C 98 15.11 19.59 13.50
CA ILE C 98 16.04 20.70 13.69
C ILE C 98 16.94 20.28 14.84
N GLU C 99 18.24 20.54 14.68
CA GLU C 99 19.22 20.29 15.75
C GLU C 99 19.17 21.35 16.84
N ASN C 100 19.65 21.03 18.03
CA ASN C 100 19.81 21.99 19.12
C ASN C 100 18.62 22.92 19.33
N CYS C 101 17.43 22.32 19.46
CA CYS C 101 16.21 23.07 19.65
C CYS C 101 15.36 22.39 20.72
N ASP C 102 14.56 23.19 21.47
CA ASP C 102 13.73 22.72 22.61
C ASP C 102 12.24 22.71 22.28
N SER C 103 11.70 23.69 21.55
CA SER C 103 10.35 23.69 20.99
C SER C 103 10.40 24.25 19.59
N CYS C 104 9.79 23.54 18.64
CA CYS C 104 9.86 23.90 17.23
C CYS C 104 8.45 24.12 16.68
N PHE C 105 8.29 25.20 15.91
CA PHE C 105 7.01 25.46 15.26
C PHE C 105 6.69 24.38 14.24
N SER C 106 7.67 23.99 13.44
CA SER C 106 7.50 22.96 12.43
C SER C 106 8.80 22.19 12.30
N LYS C 107 8.85 21.24 11.35
CA LYS C 107 10.04 20.42 11.20
C LYS C 107 11.21 21.18 10.59
N ASP C 108 10.99 22.40 10.08
CA ASP C 108 12.08 23.30 9.70
C ASP C 108 12.29 24.46 10.65
N PHE C 109 11.25 24.93 11.31
CA PHE C 109 11.31 26.14 12.12
C PHE C 109 11.45 25.79 13.60
N CYS C 110 12.27 26.56 14.30
CA CYS C 110 12.50 26.37 15.74
C CYS C 110 12.20 27.67 16.46
N THR C 111 11.47 27.56 17.57
CA THR C 111 11.05 28.73 18.36
C THR C 111 11.99 29.02 19.52
N LYS C 112 12.39 28.01 20.27
CA LYS C 112 13.26 28.17 21.43
C LYS C 112 14.57 27.42 21.19
N CYS C 113 15.68 28.13 21.31
CA CYS C 113 17.00 27.55 21.13
C CYS C 113 17.58 27.15 22.47
N LYS C 114 18.30 26.02 22.46
CA LYS C 114 18.91 25.50 23.71
C LYS C 114 19.88 26.55 24.27
N VAL C 115 19.98 26.61 25.60
CA VAL C 115 20.85 27.61 26.23
C VAL C 115 22.30 27.36 25.81
N GLY C 116 23.01 28.44 25.49
CA GLY C 116 24.36 28.36 25.00
C GLY C 116 24.50 28.50 23.50
N PHE C 117 23.40 28.65 22.78
CA PHE C 117 23.43 28.79 21.32
C PHE C 117 22.43 29.85 20.89
N TYR C 118 22.65 30.39 19.70
CA TYR C 118 21.91 31.52 19.18
C TYR C 118 20.73 31.18 18.28
N LEU C 119 19.66 31.99 18.40
CA LEU C 119 18.44 31.88 17.54
C LEU C 119 18.22 32.97 16.52
N HIS C 120 17.97 32.62 15.26
CA HIS C 120 17.76 33.60 14.20
C HIS C 120 17.02 33.02 13.00
N ARG C 121 15.86 33.60 12.70
CA ARG C 121 15.05 33.20 11.54
C ARG C 121 14.72 31.71 11.57
N GLY C 122 14.37 31.21 12.76
CA GLY C 122 14.07 29.81 12.92
C GLY C 122 15.26 28.88 12.83
N ARG C 123 16.47 29.42 12.70
CA ARG C 123 17.69 28.63 12.57
C ARG C 123 18.44 28.70 13.90
N CYS C 124 18.90 27.56 14.38
CA CYS C 124 19.70 27.49 15.60
C CYS C 124 21.15 27.18 15.24
N PHE C 125 22.06 28.04 15.69
CA PHE C 125 23.49 27.84 15.44
C PHE C 125 24.25 28.42 16.62
N ASP C 126 25.56 28.65 16.45
CA ASP C 126 26.38 29.15 17.54
C ASP C 126 26.94 30.55 17.29
N GLU C 127 27.09 30.96 16.04
CA GLU C 127 27.70 32.23 15.69
C GLU C 127 26.69 33.05 14.91
N CYS C 128 26.48 34.29 15.36
CA CYS C 128 25.44 35.14 14.76
C CYS C 128 25.86 35.60 13.37
N PRO C 129 25.04 35.40 12.35
CA PRO C 129 25.45 35.75 10.98
C PRO C 129 25.71 37.24 10.82
N ASP C 130 26.55 37.56 9.84
CA ASP C 130 26.95 38.94 9.61
C ASP C 130 25.76 39.80 9.19
N GLY C 131 25.86 41.09 9.45
CA GLY C 131 24.78 42.02 9.20
C GLY C 131 23.76 42.14 10.30
N PHE C 132 23.97 41.45 11.43
CA PHE C 132 23.05 41.48 12.55
C PHE C 132 23.81 41.75 13.83
N ALA C 133 23.15 42.41 14.78
CA ALA C 133 23.74 42.73 16.07
C ALA C 133 23.12 41.87 17.15
N PRO C 134 23.77 40.79 17.59
CA PRO C 134 23.18 39.91 18.59
C PRO C 134 23.25 40.51 19.99
N LEU C 135 22.35 40.01 20.84
CA LEU C 135 22.33 40.39 22.25
C LEU C 135 22.16 39.12 23.09
N ASP C 136 22.94 39.02 24.16
CA ASP C 136 23.02 37.76 24.90
C ASP C 136 21.83 37.53 25.82
N GLU C 137 21.18 38.60 26.29
CA GLU C 137 20.12 38.44 27.29
C GLU C 137 18.95 37.61 26.75
N THR C 138 18.56 37.89 25.50
CA THR C 138 17.43 37.16 24.87
C THR C 138 17.96 35.92 24.16
N MET C 139 19.27 35.82 23.96
CA MET C 139 19.90 34.66 23.33
C MET C 139 19.49 34.51 21.87
N GLU C 140 19.39 35.65 21.19
CA GLU C 140 19.00 35.62 19.76
C GLU C 140 19.67 36.78 19.02
N CYS C 141 19.80 36.65 17.71
CA CYS C 141 20.37 37.72 16.89
C CYS C 141 19.43 38.90 16.77
#